data_3N9Y
#
_entry.id   3N9Y
#
_cell.length_a   82.999
_cell.length_b   114.686
_cell.length_c   86.019
_cell.angle_alpha   90.00
_cell.angle_beta   101.96
_cell.angle_gamma   90.00
#
_symmetry.space_group_name_H-M   'P 1 21 1'
#
loop_
_entity.id
_entity.type
_entity.pdbx_description
1 polymer 'Cholesterol side-chain cleavage enzyme'
2 polymer Adrenodoxin
3 non-polymer 'PROTOPORPHYRIN IX CONTAINING FE'
4 non-polymer CHOLESTEROL
5 non-polymer 'FE2/S2 (INORGANIC) CLUSTER'
6 water water
#
loop_
_entity_poly.entity_id
_entity_poly.type
_entity_poly.pdbx_seq_one_letter_code
_entity_poly.pdbx_strand_id
1 'polypeptide(L)'
;STRSPRPFNEIPSPGDNGWLNLYHFWRETGTHKVHLHHVQNFQKYGPIYREKLGNVESVYVIDPEDVALLFKSEGPNPER
FLIPPWVAYHQYYQRPIGVLLKKSAAWKKDRVALNQEVMAPEATKNFLPLLDAVSRDFVSVLHRRIKKAGSGNYSGDISD
DLFRFAFESITNVIFGERQGMLEEVVNPEAQRFIDAIYQMFHTSVPMLNLPPDLFRLFRTKTWKDHVAAWDVIFSKADIY
TQNFYWELRQKGSVHHDYRGILYRLLGDSKMSFEDIKANVTEMLAGGVDTTSMTLQWHLYEMARNLKVQDMLRAEVLAAR
HQAQGDMATMLQLVPLLKASIKETLRLHPISVTLQRYLVNDLVLRDYMIPAKTLVQVAIYALGREPTFFFDPENFDPTRW
LSKDKNITYFRNLGFGWGVRQCLGRRIAELEMTIFLINMLENFRVEIQHLSDVGTTFNLILMPEKPISFTFWPFNQEATQ
QHHHHHH
;
A,B
2 'polypeptide(L)'
;SSEDKITVHFINRDGETLTTKGKVGDSLLDVVVENNLDIDGFGACEGTLACSTCHLIFEDHIYEKLDAITDEENDMLDLA
YGLTDRSRLGCQICLTKSMDNMTVRVPETVADAR
;
C,D
#
# COMPACT_ATOMS: atom_id res chain seq x y z
N SER A 4 -44.60 27.95 -36.43
CA SER A 4 -44.16 28.89 -35.35
C SER A 4 -42.94 28.45 -34.51
N PRO A 5 -42.23 27.36 -34.90
CA PRO A 5 -41.00 27.05 -34.16
C PRO A 5 -39.86 27.98 -34.58
N ARG A 6 -39.07 28.43 -33.61
CA ARG A 6 -37.94 29.33 -33.88
C ARG A 6 -36.89 28.67 -34.78
N PRO A 7 -36.17 29.49 -35.58
CA PRO A 7 -35.11 28.91 -36.41
C PRO A 7 -33.91 28.46 -35.58
N PHE A 8 -33.11 27.58 -36.18
CA PHE A 8 -31.89 27.05 -35.58
C PHE A 8 -30.98 28.11 -34.94
N ASN A 9 -30.77 29.23 -35.64
CA ASN A 9 -29.84 30.28 -35.16
C ASN A 9 -30.26 30.99 -33.88
N GLU A 10 -31.52 30.82 -33.48
CA GLU A 10 -32.00 31.43 -32.23
C GLU A 10 -31.71 30.57 -30.98
N ILE A 11 -31.29 29.33 -31.18
CA ILE A 11 -30.83 28.50 -30.07
C ILE A 11 -29.66 29.21 -29.41
N PRO A 12 -29.71 29.41 -28.07
CA PRO A 12 -28.61 30.07 -27.38
C PRO A 12 -27.26 29.40 -27.67
N SER A 13 -26.21 30.22 -27.69
CA SER A 13 -24.89 29.83 -28.20
C SER A 13 -23.85 30.86 -27.74
N PRO A 14 -22.60 30.41 -27.46
CA PRO A 14 -21.53 31.40 -27.18
C PRO A 14 -21.13 32.23 -28.40
N GLY A 15 -21.59 31.85 -29.59
CA GLY A 15 -21.22 32.53 -30.84
C GLY A 15 -20.88 31.55 -31.94
N ASP A 16 -20.69 32.06 -33.15
CA ASP A 16 -20.52 31.20 -34.33
C ASP A 16 -19.08 30.89 -34.70
N ASN A 17 -18.14 31.52 -34.01
CA ASN A 17 -16.74 31.26 -34.27
C ASN A 17 -16.23 30.08 -33.44
N GLY A 18 -16.17 28.92 -34.10
CA GLY A 18 -15.69 27.69 -33.50
C GLY A 18 -14.29 27.74 -32.89
N TRP A 19 -13.38 28.48 -33.52
CA TRP A 19 -12.00 28.55 -33.02
C TRP A 19 -11.96 29.43 -31.80
N LEU A 20 -12.70 30.54 -31.84
CA LEU A 20 -12.86 31.40 -30.68
C LEU A 20 -13.51 30.64 -29.51
N ASN A 21 -14.56 29.89 -29.81
CA ASN A 21 -15.21 29.08 -28.77
C ASN A 21 -14.26 28.08 -28.14
N LEU A 22 -13.41 27.48 -28.99
CA LEU A 22 -12.43 26.50 -28.52
C LEU A 22 -11.39 27.16 -27.62
N TYR A 23 -10.94 28.34 -28.04
CA TYR A 23 -10.02 29.13 -27.26
C TYR A 23 -10.54 29.39 -25.84
N HIS A 24 -11.78 29.82 -25.72
CA HIS A 24 -12.35 30.13 -24.41
C HIS A 24 -12.59 28.87 -23.58
N PHE A 25 -13.01 27.77 -24.22
CA PHE A 25 -13.16 26.50 -23.51
C PHE A 25 -11.81 26.06 -22.90
N TRP A 26 -10.74 26.04 -23.68
CA TRP A 26 -9.42 25.66 -23.15
C TRP A 26 -8.89 26.57 -22.06
N ARG A 27 -9.10 27.87 -22.24
CA ARG A 27 -8.62 28.89 -21.29
C ARG A 27 -9.34 28.81 -19.94
N GLU A 28 -10.67 28.71 -19.98
CA GLU A 28 -11.51 28.85 -18.78
C GLU A 28 -11.74 27.54 -18.04
N THR A 29 -11.87 26.45 -18.79
CA THR A 29 -12.26 25.18 -18.20
C THR A 29 -11.18 24.10 -18.42
N GLY A 30 -10.72 23.94 -19.66
CA GLY A 30 -9.68 22.95 -19.95
C GLY A 30 -10.24 21.69 -20.61
N THR A 31 -9.44 21.12 -21.52
CA THR A 31 -9.84 19.91 -22.27
C THR A 31 -10.24 18.74 -21.36
N HIS A 32 -9.58 18.65 -20.20
CA HIS A 32 -9.80 17.51 -19.32
C HIS A 32 -11.00 17.68 -18.38
N LYS A 33 -11.74 18.77 -18.58
CA LYS A 33 -12.90 19.11 -17.78
C LYS A 33 -14.11 19.39 -18.67
N VAL A 34 -14.24 18.70 -19.79
CA VAL A 34 -15.37 18.99 -20.68
C VAL A 34 -16.74 18.74 -20.01
N HIS A 35 -16.80 17.80 -19.06
CA HIS A 35 -18.04 17.57 -18.30
C HIS A 35 -18.49 18.83 -17.55
N LEU A 36 -17.54 19.55 -16.94
CA LEU A 36 -17.83 20.80 -16.24
C LEU A 36 -18.26 21.90 -17.19
N HIS A 37 -17.60 21.97 -18.33
CA HIS A 37 -18.01 22.85 -19.43
C HIS A 37 -19.50 22.68 -19.71
N HIS A 38 -19.96 21.43 -19.85
CA HIS A 38 -21.37 21.16 -20.11
C HIS A 38 -22.29 21.67 -19.00
N VAL A 39 -21.94 21.36 -17.75
CA VAL A 39 -22.72 21.80 -16.59
C VAL A 39 -22.86 23.33 -16.62
N GLN A 40 -21.73 24.00 -16.83
CA GLN A 40 -21.70 25.47 -16.79
C GLN A 40 -22.52 26.08 -17.91
N ASN A 41 -22.50 25.46 -19.08
CA ASN A 41 -23.24 25.94 -20.22
C ASN A 41 -24.76 25.87 -20.04
N PHE A 42 -25.27 24.78 -19.47
CA PHE A 42 -26.71 24.71 -19.17
C PHE A 42 -27.10 25.76 -18.13
N GLN A 43 -26.22 26.00 -17.15
CA GLN A 43 -26.41 27.07 -16.18
C GLN A 43 -26.49 28.42 -16.90
N LYS A 44 -25.60 28.61 -17.89
CA LYS A 44 -25.55 29.86 -18.65
C LYS A 44 -26.69 30.07 -19.64
N TYR A 45 -27.07 29.03 -20.37
CA TYR A 45 -27.95 29.16 -21.54
C TYR A 45 -29.34 28.57 -21.35
N GLY A 46 -29.51 27.79 -20.29
CA GLY A 46 -30.75 27.02 -20.13
C GLY A 46 -30.61 25.61 -20.70
N PRO A 47 -31.75 24.93 -20.89
CA PRO A 47 -31.82 23.48 -21.12
C PRO A 47 -31.47 23.01 -22.54
N ILE A 48 -31.20 23.96 -23.44
CA ILE A 48 -30.78 23.65 -24.80
C ILE A 48 -29.85 24.75 -25.32
N TYR A 49 -28.78 24.34 -25.97
CA TYR A 49 -27.84 25.30 -26.53
C TYR A 49 -27.12 24.70 -27.71
N ARG A 50 -26.48 25.55 -28.50
CA ARG A 50 -25.64 25.07 -29.59
C ARG A 50 -24.24 25.64 -29.42
N GLU A 51 -23.24 24.85 -29.76
CA GLU A 51 -21.87 25.30 -29.64
C GLU A 51 -21.03 24.63 -30.71
N LYS A 52 -20.46 25.47 -31.56
CA LYS A 52 -19.46 25.01 -32.49
C LYS A 52 -18.10 25.03 -31.76
N LEU A 53 -17.47 23.87 -31.71
CA LEU A 53 -16.13 23.74 -31.15
C LEU A 53 -15.19 23.33 -32.25
N GLY A 54 -14.27 24.23 -32.58
CA GLY A 54 -13.40 24.03 -33.72
C GLY A 54 -14.25 23.89 -34.96
N ASN A 55 -14.24 22.68 -35.54
CA ASN A 55 -14.97 22.43 -36.79
C ASN A 55 -16.39 21.89 -36.62
N VAL A 56 -16.65 21.26 -35.47
CA VAL A 56 -17.93 20.58 -35.20
C VAL A 56 -18.93 21.41 -34.38
N GLU A 57 -20.12 21.60 -34.93
CA GLU A 57 -21.23 22.18 -34.18
C GLU A 57 -22.17 21.08 -33.68
N SER A 58 -22.68 21.27 -32.48
CA SER A 58 -23.66 20.36 -31.91
C SER A 58 -24.73 21.17 -31.21
N VAL A 59 -25.92 20.60 -31.15
CA VAL A 59 -26.94 21.07 -30.24
C VAL A 59 -26.87 20.16 -29.03
N TYR A 60 -26.89 20.76 -27.85
CA TYR A 60 -26.81 20.02 -26.60
C TYR A 60 -28.14 20.09 -25.86
N VAL A 61 -28.58 18.95 -25.34
CA VAL A 61 -29.78 18.85 -24.49
C VAL A 61 -29.49 18.11 -23.19
N ILE A 62 -30.32 18.39 -22.18
CA ILE A 62 -30.19 17.80 -20.84
C ILE A 62 -31.50 17.18 -20.34
N ASP A 63 -32.63 17.78 -20.74
CA ASP A 63 -33.98 17.36 -20.31
C ASP A 63 -34.40 16.00 -20.86
N PRO A 64 -34.69 15.01 -19.98
CA PRO A 64 -35.15 13.70 -20.44
C PRO A 64 -36.31 13.72 -21.42
N GLU A 65 -37.19 14.72 -21.33
CA GLU A 65 -38.33 14.83 -22.27
C GLU A 65 -37.86 15.13 -23.69
N ASP A 66 -36.84 15.97 -23.82
CA ASP A 66 -36.19 16.22 -25.10
C ASP A 66 -35.40 15.00 -25.57
N VAL A 67 -34.78 14.29 -24.63
CA VAL A 67 -34.04 13.08 -24.96
C VAL A 67 -34.98 12.06 -25.60
N ALA A 68 -36.18 11.94 -25.03
CA ALA A 68 -37.16 10.97 -25.52
C ALA A 68 -37.56 11.28 -26.94
N LEU A 69 -37.76 12.56 -27.24
CA LEU A 69 -38.08 13.00 -28.60
C LEU A 69 -36.95 12.71 -29.57
N LEU A 70 -35.70 12.92 -29.11
CA LEU A 70 -34.55 12.62 -29.96
C LEU A 70 -34.52 11.14 -30.36
N PHE A 71 -34.70 10.25 -29.40
CA PHE A 71 -34.66 8.83 -29.68
C PHE A 71 -35.94 8.30 -30.34
N LYS A 72 -37.05 8.99 -30.15
CA LYS A 72 -38.31 8.68 -30.85
C LYS A 72 -38.17 8.81 -32.38
N SER A 73 -37.40 9.81 -32.83
CA SER A 73 -37.25 10.10 -34.25
C SER A 73 -36.09 9.36 -34.89
N GLU A 74 -35.43 8.51 -34.14
CA GLU A 74 -34.25 7.79 -34.62
C GLU A 74 -34.56 6.90 -35.83
N GLY A 75 -33.64 6.88 -36.79
CA GLY A 75 -33.74 6.05 -37.98
C GLY A 75 -33.18 4.65 -37.77
N PRO A 76 -33.23 3.80 -38.82
CA PRO A 76 -32.84 2.39 -38.70
C PRO A 76 -31.35 2.16 -38.52
N ASN A 77 -30.53 3.08 -39.03
CA ASN A 77 -29.07 2.94 -38.94
C ASN A 77 -28.45 4.20 -38.30
N PRO A 78 -28.62 4.35 -36.97
CA PRO A 78 -28.19 5.58 -36.29
C PRO A 78 -26.68 5.78 -36.35
N GLU A 79 -26.26 7.04 -36.37
CA GLU A 79 -24.85 7.42 -36.34
C GLU A 79 -24.61 8.32 -35.15
N ARG A 80 -23.54 8.05 -34.41
CA ARG A 80 -23.10 8.93 -33.32
C ARG A 80 -21.88 9.69 -33.81
N PHE A 81 -21.27 10.47 -32.91
CA PHE A 81 -20.07 11.21 -33.23
C PHE A 81 -18.88 10.28 -33.29
N LEU A 82 -18.15 10.34 -34.41
CA LEU A 82 -16.95 9.53 -34.60
C LEU A 82 -15.74 10.32 -34.11
N ILE A 83 -14.89 9.68 -33.32
CA ILE A 83 -13.69 10.34 -32.78
C ILE A 83 -12.64 10.55 -33.89
N PRO A 84 -12.32 11.81 -34.23
CA PRO A 84 -11.50 11.99 -35.44
C PRO A 84 -10.10 11.33 -35.43
N PRO A 85 -9.36 11.37 -34.30
CA PRO A 85 -8.08 10.66 -34.41
C PRO A 85 -8.20 9.14 -34.60
N TRP A 86 -9.29 8.54 -34.10
CA TRP A 86 -9.55 7.10 -34.29
C TRP A 86 -9.77 6.82 -35.76
N VAL A 87 -10.68 7.58 -36.38
CA VAL A 87 -10.97 7.46 -37.82
C VAL A 87 -9.70 7.63 -38.66
N ALA A 88 -8.94 8.68 -38.36
CA ALA A 88 -7.73 8.99 -39.14
C ALA A 88 -6.71 7.87 -39.04
N TYR A 89 -6.51 7.32 -37.84
CA TYR A 89 -5.60 6.21 -37.66
C TYR A 89 -6.01 4.99 -38.50
N HIS A 90 -7.29 4.63 -38.47
CA HIS A 90 -7.76 3.43 -39.19
C HIS A 90 -7.65 3.60 -40.71
N GLN A 91 -8.05 4.78 -41.20
CA GLN A 91 -8.01 5.09 -42.64
C GLN A 91 -6.57 5.15 -43.13
N TYR A 92 -5.76 6.01 -42.51
CA TYR A 92 -4.38 6.18 -42.93
C TYR A 92 -3.56 4.91 -42.88
N TYR A 93 -3.65 4.15 -41.79
CA TYR A 93 -2.86 2.93 -41.64
C TYR A 93 -3.59 1.69 -42.16
N GLN A 94 -4.74 1.91 -42.80
CA GLN A 94 -5.53 0.86 -43.45
C GLN A 94 -5.90 -0.32 -42.53
N ARG A 95 -6.33 0.01 -41.32
CA ARG A 95 -6.75 -1.00 -40.34
C ARG A 95 -8.22 -1.35 -40.55
N PRO A 96 -8.54 -2.65 -40.58
CA PRO A 96 -9.93 -3.07 -40.76
C PRO A 96 -10.81 -2.54 -39.63
N ILE A 97 -11.97 -2.02 -39.99
CA ILE A 97 -12.82 -1.40 -39.00
C ILE A 97 -13.90 -2.35 -38.52
N GLY A 98 -14.26 -2.19 -37.26
CA GLY A 98 -15.36 -2.93 -36.69
C GLY A 98 -16.58 -2.05 -36.57
N VAL A 99 -17.53 -2.53 -35.77
CA VAL A 99 -18.87 -2.00 -35.71
C VAL A 99 -18.87 -0.53 -35.22
N LEU A 100 -17.90 -0.18 -34.38
CA LEU A 100 -17.81 1.19 -33.89
C LEU A 100 -17.66 2.25 -35.02
N LEU A 101 -16.83 1.94 -36.02
CA LEU A 101 -16.48 2.92 -37.05
C LEU A 101 -17.24 2.74 -38.39
N LYS A 102 -18.15 1.77 -38.43
CA LYS A 102 -18.98 1.52 -39.61
C LYS A 102 -20.30 2.29 -39.55
N LYS A 103 -20.98 2.36 -40.69
CA LYS A 103 -22.27 3.05 -40.75
C LYS A 103 -23.23 2.27 -41.66
N SER A 104 -24.49 2.73 -41.71
CA SER A 104 -25.57 2.14 -42.50
C SER A 104 -25.55 0.61 -42.57
N ALA A 105 -25.68 0.08 -43.78
CA ALA A 105 -25.88 -1.36 -43.98
C ALA A 105 -24.70 -2.21 -43.54
N ALA A 106 -23.48 -1.70 -43.73
CA ALA A 106 -22.31 -2.44 -43.32
C ALA A 106 -22.23 -2.52 -41.78
N TRP A 107 -22.73 -1.49 -41.09
CA TRP A 107 -22.80 -1.51 -39.62
C TRP A 107 -23.83 -2.54 -39.18
N LYS A 108 -25.01 -2.48 -39.80
CA LYS A 108 -26.14 -3.33 -39.46
C LYS A 108 -25.77 -4.81 -39.55
N LYS A 109 -25.03 -5.15 -40.61
CA LYS A 109 -24.57 -6.52 -40.88
C LYS A 109 -23.71 -7.08 -39.74
N ASP A 110 -22.67 -6.33 -39.32
CA ASP A 110 -21.86 -6.70 -38.17
C ASP A 110 -22.69 -6.78 -36.89
N ARG A 111 -23.44 -5.73 -36.63
CA ARG A 111 -24.22 -5.61 -35.39
C ARG A 111 -25.14 -6.80 -35.14
N VAL A 112 -25.97 -7.14 -36.14
CA VAL A 112 -26.86 -8.28 -36.03
C VAL A 112 -26.10 -9.58 -35.80
N ALA A 113 -24.99 -9.80 -36.50
CA ALA A 113 -24.19 -11.00 -36.25
C ALA A 113 -23.63 -11.01 -34.82
N LEU A 114 -23.22 -9.84 -34.34
CA LEU A 114 -22.58 -9.74 -33.02
C LEU A 114 -23.59 -9.87 -31.89
N ASN A 115 -24.73 -9.20 -32.05
CA ASN A 115 -25.84 -9.31 -31.10
C ASN A 115 -26.24 -10.74 -30.78
N GLN A 116 -26.17 -11.64 -31.76
CA GLN A 116 -26.52 -13.05 -31.56
C GLN A 116 -25.54 -13.76 -30.62
N GLU A 117 -24.31 -13.26 -30.54
CA GLU A 117 -23.31 -13.89 -29.67
C GLU A 117 -22.99 -13.14 -28.37
N VAL A 118 -23.32 -11.85 -28.31
CA VAL A 118 -22.96 -11.03 -27.13
C VAL A 118 -24.11 -10.30 -26.45
N MET A 119 -25.26 -10.18 -27.12
CA MET A 119 -26.42 -9.53 -26.51
C MET A 119 -27.56 -10.51 -26.16
N ALA A 120 -27.81 -11.49 -27.04
CA ALA A 120 -28.96 -12.40 -26.89
C ALA A 120 -28.91 -13.17 -25.57
N PRO A 121 -30.00 -13.11 -24.79
CA PRO A 121 -30.03 -13.81 -23.48
C PRO A 121 -29.62 -15.27 -23.59
N GLU A 122 -29.89 -15.91 -24.73
CA GLU A 122 -29.53 -17.32 -24.96
C GLU A 122 -28.03 -17.54 -25.16
N ALA A 123 -27.34 -16.51 -25.64
CA ALA A 123 -25.87 -16.54 -25.70
C ALA A 123 -25.25 -16.14 -24.35
N THR A 124 -25.80 -15.09 -23.74
CA THR A 124 -25.16 -14.48 -22.57
C THR A 124 -25.20 -15.35 -21.30
N LYS A 125 -26.19 -16.25 -21.22
CA LYS A 125 -26.28 -17.18 -20.07
C LYS A 125 -25.00 -18.00 -19.95
N ASN A 126 -24.31 -18.23 -21.08
CA ASN A 126 -23.03 -18.92 -21.08
C ASN A 126 -21.85 -18.12 -20.50
N PHE A 127 -22.05 -16.82 -20.30
CA PHE A 127 -20.99 -15.97 -19.77
C PHE A 127 -20.82 -16.16 -18.26
N LEU A 128 -21.92 -16.57 -17.60
CA LEU A 128 -21.95 -16.62 -16.13
C LEU A 128 -20.78 -17.38 -15.50
N PRO A 129 -20.55 -18.65 -15.89
CA PRO A 129 -19.42 -19.40 -15.32
C PRO A 129 -18.04 -18.79 -15.61
N LEU A 130 -17.91 -18.20 -16.79
CA LEU A 130 -16.62 -17.64 -17.21
C LEU A 130 -16.31 -16.37 -16.42
N LEU A 131 -17.32 -15.54 -16.17
CA LEU A 131 -17.13 -14.28 -15.45
C LEU A 131 -17.01 -14.55 -13.94
N ASP A 132 -17.78 -15.52 -13.45
CA ASP A 132 -17.72 -15.89 -12.03
C ASP A 132 -16.34 -16.41 -11.64
N ALA A 133 -15.77 -17.31 -12.45
CA ALA A 133 -14.39 -17.77 -12.26
C ALA A 133 -13.39 -16.62 -12.10
N VAL A 134 -13.54 -15.57 -12.91
CA VAL A 134 -12.60 -14.46 -12.82
C VAL A 134 -12.82 -13.68 -11.51
N SER A 135 -14.07 -13.38 -11.20
CA SER A 135 -14.36 -12.62 -9.97
C SER A 135 -13.92 -13.37 -8.71
N ARG A 136 -14.14 -14.69 -8.68
CA ARG A 136 -13.68 -15.54 -7.55
C ARG A 136 -12.17 -15.47 -7.40
N ASP A 137 -11.45 -15.47 -8.52
CA ASP A 137 -9.99 -15.27 -8.47
C ASP A 137 -9.58 -13.87 -7.96
N PHE A 138 -10.37 -12.85 -8.31
CA PHE A 138 -10.11 -11.51 -7.77
C PHE A 138 -10.23 -11.51 -6.25
N VAL A 139 -11.32 -12.06 -5.74
CA VAL A 139 -11.52 -12.24 -4.29
C VAL A 139 -10.28 -12.91 -3.66
N SER A 140 -9.81 -14.01 -4.27
CA SER A 140 -8.61 -14.72 -3.79
C SER A 140 -7.35 -13.87 -3.72
N VAL A 141 -7.14 -13.01 -4.71
CA VAL A 141 -6.03 -12.04 -4.69
C VAL A 141 -6.08 -11.18 -3.42
N LEU A 142 -7.26 -10.63 -3.15
CA LEU A 142 -7.43 -9.78 -1.98
C LEU A 142 -7.20 -10.54 -0.67
N HIS A 143 -7.77 -11.74 -0.55
CA HIS A 143 -7.54 -12.58 0.64
C HIS A 143 -6.04 -12.83 0.85
N ARG A 144 -5.32 -13.08 -0.24
CA ARG A 144 -3.86 -13.24 -0.23
C ARG A 144 -3.13 -11.97 0.26
N ARG A 145 -3.51 -10.82 -0.28
CA ARG A 145 -2.90 -9.57 0.16
C ARG A 145 -3.21 -9.28 1.64
N ILE A 146 -4.42 -9.65 2.08
CA ILE A 146 -4.79 -9.45 3.49
C ILE A 146 -3.88 -10.30 4.40
N LYS A 147 -3.73 -11.57 4.05
CA LYS A 147 -2.88 -12.50 4.79
C LYS A 147 -1.45 -11.97 4.87
N LYS A 148 -0.91 -11.61 3.71
CA LYS A 148 0.41 -11.00 3.57
C LYS A 148 0.62 -9.76 4.45
N ALA A 149 -0.40 -8.88 4.52
CA ALA A 149 -0.30 -7.64 5.30
C ALA A 149 -0.16 -7.89 6.81
N GLY A 150 -0.74 -8.99 7.28
CA GLY A 150 -0.64 -9.41 8.68
C GLY A 150 -1.48 -8.58 9.64
N SER A 151 -2.31 -7.69 9.09
CA SER A 151 -3.07 -6.74 9.91
C SER A 151 -4.55 -7.09 10.06
N GLY A 152 -5.01 -8.14 9.38
CA GLY A 152 -6.45 -8.42 9.32
C GLY A 152 -7.17 -7.59 8.27
N ASN A 153 -6.42 -6.81 7.50
CA ASN A 153 -7.01 -6.02 6.41
C ASN A 153 -6.01 -5.76 5.29
N TYR A 154 -6.46 -5.09 4.24
CA TYR A 154 -5.59 -4.67 3.16
C TYR A 154 -6.01 -3.29 2.65
N SER A 155 -5.04 -2.38 2.59
CA SER A 155 -5.24 -1.04 2.08
C SER A 155 -4.38 -0.86 0.86
N GLY A 156 -4.99 -0.36 -0.21
CA GLY A 156 -4.27 0.00 -1.42
C GLY A 156 -5.14 0.62 -2.50
N ASP A 157 -4.46 1.22 -3.47
CA ASP A 157 -5.04 1.62 -4.74
C ASP A 157 -5.08 0.34 -5.59
N ILE A 158 -6.27 -0.11 -5.97
CA ILE A 158 -6.41 -1.33 -6.76
C ILE A 158 -6.78 -1.09 -8.23
N SER A 159 -6.59 0.14 -8.71
CA SER A 159 -6.93 0.47 -10.10
C SER A 159 -6.22 -0.43 -11.12
N ASP A 160 -4.93 -0.68 -10.90
CA ASP A 160 -4.19 -1.60 -11.77
C ASP A 160 -4.70 -3.03 -11.73
N ASP A 161 -5.09 -3.49 -10.55
CA ASP A 161 -5.75 -4.80 -10.42
C ASP A 161 -7.11 -4.84 -11.14
N LEU A 162 -7.84 -3.74 -11.09
CA LEU A 162 -9.14 -3.66 -11.73
C LEU A 162 -9.01 -3.67 -13.26
N PHE A 163 -8.01 -2.98 -13.80
CA PHE A 163 -7.73 -3.10 -15.24
C PHE A 163 -7.41 -4.55 -15.64
N ARG A 164 -6.58 -5.24 -14.84
CA ARG A 164 -6.25 -6.64 -15.11
C ARG A 164 -7.48 -7.55 -14.94
N PHE A 165 -8.34 -7.22 -13.99
CA PHE A 165 -9.60 -7.94 -13.83
C PHE A 165 -10.50 -7.80 -15.07
N ALA A 166 -10.66 -6.57 -15.55
CA ALA A 166 -11.51 -6.31 -16.73
C ALA A 166 -10.97 -7.02 -17.97
N PHE A 167 -9.65 -6.99 -18.13
CA PHE A 167 -8.98 -7.69 -19.24
C PHE A 167 -9.17 -9.21 -19.19
N GLU A 168 -8.90 -9.80 -18.03
CA GLU A 168 -9.17 -11.23 -17.81
C GLU A 168 -10.62 -11.63 -18.09
N SER A 169 -11.57 -10.79 -17.68
CA SER A 169 -12.99 -11.06 -17.88
C SER A 169 -13.39 -11.06 -19.37
N ILE A 170 -13.01 -9.99 -20.08
CA ILE A 170 -13.34 -9.88 -21.51
C ILE A 170 -12.63 -10.96 -22.36
N THR A 171 -11.39 -11.26 -22.04
CA THR A 171 -10.66 -12.30 -22.74
C THR A 171 -11.22 -13.69 -22.45
N ASN A 172 -11.72 -13.90 -21.23
CA ASN A 172 -12.31 -15.20 -20.88
C ASN A 172 -13.60 -15.48 -21.65
N VAL A 173 -14.47 -14.47 -21.78
CA VAL A 173 -15.72 -14.67 -22.56
C VAL A 173 -15.48 -14.70 -24.08
N ILE A 174 -14.44 -14.02 -24.55
CA ILE A 174 -14.12 -14.03 -25.97
C ILE A 174 -13.42 -15.33 -26.35
N PHE A 175 -12.35 -15.66 -25.64
CA PHE A 175 -11.49 -16.76 -26.00
C PHE A 175 -11.78 -18.08 -25.29
N GLY A 176 -12.60 -18.03 -24.24
CA GLY A 176 -12.79 -19.18 -23.35
C GLY A 176 -11.50 -19.66 -22.71
N GLU A 177 -10.52 -18.78 -22.56
CA GLU A 177 -9.22 -19.16 -22.02
C GLU A 177 -8.72 -18.10 -21.03
N ARG A 178 -8.18 -18.55 -19.90
CA ARG A 178 -7.60 -17.66 -18.90
C ARG A 178 -6.26 -17.13 -19.36
N GLN A 179 -6.08 -15.82 -19.26
CA GLN A 179 -4.82 -15.18 -19.60
C GLN A 179 -3.81 -15.15 -18.45
N GLY A 180 -4.25 -15.47 -17.24
CA GLY A 180 -3.37 -15.52 -16.06
C GLY A 180 -3.05 -14.16 -15.41
N MET A 181 -3.84 -13.13 -15.75
CA MET A 181 -3.54 -11.77 -15.29
C MET A 181 -3.84 -11.52 -13.82
N LEU A 182 -4.47 -12.49 -13.15
CA LEU A 182 -4.69 -12.36 -11.71
C LEU A 182 -3.69 -13.18 -10.85
N GLU A 183 -2.72 -13.83 -11.49
CA GLU A 183 -1.64 -14.56 -10.81
C GLU A 183 -0.60 -13.59 -10.28
N GLU A 184 0.27 -14.05 -9.39
CA GLU A 184 1.32 -13.18 -8.83
C GLU A 184 2.33 -12.77 -9.88
N VAL A 185 2.60 -13.67 -10.83
CA VAL A 185 3.52 -13.38 -11.93
C VAL A 185 2.72 -13.31 -13.22
N VAL A 186 2.81 -12.17 -13.89
CA VAL A 186 1.86 -11.78 -14.92
C VAL A 186 2.53 -11.75 -16.29
N ASN A 187 1.76 -12.03 -17.34
CA ASN A 187 2.26 -11.91 -18.70
C ASN A 187 2.53 -10.44 -19.04
N PRO A 188 3.81 -10.07 -19.24
CA PRO A 188 4.13 -8.66 -19.51
C PRO A 188 3.60 -8.16 -20.86
N GLU A 189 3.42 -9.06 -21.81
CA GLU A 189 2.89 -8.68 -23.12
C GLU A 189 1.40 -8.34 -23.06
N ALA A 190 0.65 -9.08 -22.25
CA ALA A 190 -0.73 -8.72 -21.92
C ALA A 190 -0.80 -7.40 -21.13
N GLN A 191 0.13 -7.17 -20.19
CA GLN A 191 0.19 -5.89 -19.47
C GLN A 191 0.42 -4.70 -20.42
N ARG A 192 1.30 -4.90 -21.40
CA ARG A 192 1.49 -3.94 -22.49
C ARG A 192 0.20 -3.62 -23.25
N PHE A 193 -0.60 -4.64 -23.57
CA PHE A 193 -1.89 -4.43 -24.20
C PHE A 193 -2.79 -3.55 -23.31
N ILE A 194 -2.92 -3.93 -22.03
CA ILE A 194 -3.70 -3.15 -21.05
C ILE A 194 -3.29 -1.68 -20.99
N ASP A 195 -1.99 -1.42 -20.88
CA ASP A 195 -1.45 -0.06 -20.80
C ASP A 195 -1.67 0.74 -22.09
N ALA A 196 -1.67 0.06 -23.23
CA ALA A 196 -1.88 0.74 -24.52
C ALA A 196 -3.30 1.25 -24.65
N ILE A 197 -4.26 0.55 -24.06
CA ILE A 197 -5.67 0.96 -24.13
C ILE A 197 -5.85 2.28 -23.40
N TYR A 198 -5.32 2.37 -22.18
CA TYR A 198 -5.38 3.62 -21.45
C TYR A 198 -4.68 4.74 -22.24
N GLN A 199 -3.53 4.43 -22.85
CA GLN A 199 -2.75 5.45 -23.60
C GLN A 199 -3.50 5.94 -24.85
N MET A 200 -4.15 5.01 -25.53
CA MET A 200 -4.98 5.33 -26.70
C MET A 200 -6.08 6.35 -26.29
N PHE A 201 -6.78 6.09 -25.18
CA PHE A 201 -7.79 7.04 -24.66
C PHE A 201 -7.22 8.40 -24.25
N HIS A 202 -6.22 8.37 -23.38
CA HIS A 202 -5.54 9.58 -22.89
C HIS A 202 -5.01 10.46 -24.03
N THR A 203 -4.35 9.85 -25.02
CA THR A 203 -3.79 10.62 -26.14
C THR A 203 -4.85 11.09 -27.12
N SER A 204 -6.07 10.59 -27.01
CA SER A 204 -7.14 11.05 -27.88
C SER A 204 -7.49 12.52 -27.58
N VAL A 205 -7.42 12.87 -26.31
CA VAL A 205 -7.99 14.13 -25.80
C VAL A 205 -7.39 15.41 -26.44
N PRO A 206 -6.05 15.50 -26.59
CA PRO A 206 -5.56 16.75 -27.20
C PRO A 206 -5.92 16.92 -28.67
N MET A 207 -6.43 15.88 -29.32
CA MET A 207 -6.76 15.99 -30.74
C MET A 207 -8.27 16.16 -31.05
N LEU A 208 -9.10 16.18 -30.00
CA LEU A 208 -10.58 16.00 -30.12
C LEU A 208 -11.43 16.89 -31.01
N ASN A 209 -11.24 18.19 -30.87
CA ASN A 209 -12.07 19.15 -31.59
C ASN A 209 -11.33 19.73 -32.81
N LEU A 210 -10.36 18.96 -33.34
CA LEU A 210 -9.52 19.41 -34.45
C LEU A 210 -9.69 18.53 -35.68
N PRO A 211 -9.63 19.12 -36.88
CA PRO A 211 -9.59 18.25 -38.08
C PRO A 211 -8.23 17.55 -38.20
N PRO A 212 -8.18 16.41 -38.91
CA PRO A 212 -6.93 15.65 -39.02
C PRO A 212 -5.75 16.48 -39.57
N ASP A 213 -6.02 17.44 -40.48
CA ASP A 213 -4.98 18.33 -41.02
C ASP A 213 -4.27 19.15 -39.95
N LEU A 214 -5.00 19.50 -38.88
CA LEU A 214 -4.46 20.36 -37.83
C LEU A 214 -3.82 19.60 -36.67
N PHE A 215 -4.44 18.50 -36.23
CA PHE A 215 -3.78 17.71 -35.18
C PHE A 215 -2.44 17.08 -35.64
N ARG A 216 -2.33 16.80 -36.93
CA ARG A 216 -1.03 16.40 -37.52
C ARG A 216 0.07 17.47 -37.33
N LEU A 217 -0.35 18.74 -37.31
CA LEU A 217 0.53 19.90 -37.38
C LEU A 217 0.81 20.54 -36.02
N PHE A 218 -0.18 20.49 -35.11
CA PHE A 218 -0.06 21.10 -33.81
C PHE A 218 -0.04 20.10 -32.64
N ARG A 219 -0.21 18.82 -32.96
CA ARG A 219 -0.27 17.77 -31.95
C ARG A 219 0.56 16.59 -32.42
N THR A 220 1.72 16.90 -33.02
CA THR A 220 2.55 15.89 -33.69
C THR A 220 3.02 14.79 -32.73
N LYS A 221 3.49 15.17 -31.55
CA LYS A 221 3.91 14.20 -30.54
C LYS A 221 2.76 13.33 -30.02
N THR A 222 1.62 13.96 -29.74
CA THR A 222 0.44 13.23 -29.26
C THR A 222 -0.06 12.25 -30.32
N TRP A 223 -0.14 12.70 -31.56
CA TRP A 223 -0.57 11.85 -32.66
C TRP A 223 0.34 10.64 -32.77
N LYS A 224 1.65 10.88 -32.69
CA LYS A 224 2.63 9.81 -32.75
C LYS A 224 2.42 8.79 -31.61
N ASP A 225 2.14 9.27 -30.40
CA ASP A 225 1.95 8.39 -29.23
C ASP A 225 0.65 7.59 -29.37
N HIS A 226 -0.32 8.23 -29.99
CA HIS A 226 -1.63 7.68 -30.22
C HIS A 226 -1.56 6.55 -31.25
N VAL A 227 -0.90 6.83 -32.38
CA VAL A 227 -0.60 5.81 -33.38
C VAL A 227 0.12 4.61 -32.73
N ALA A 228 1.10 4.87 -31.87
CA ALA A 228 1.83 3.80 -31.19
C ALA A 228 0.94 2.97 -30.26
N ALA A 229 -0.02 3.62 -29.57
CA ALA A 229 -0.96 2.90 -28.70
C ALA A 229 -1.88 1.98 -29.52
N TRP A 230 -2.48 2.50 -30.58
CA TRP A 230 -3.34 1.67 -31.42
C TRP A 230 -2.57 0.52 -32.07
N ASP A 231 -1.32 0.75 -32.46
CA ASP A 231 -0.49 -0.30 -33.06
C ASP A 231 -0.31 -1.49 -32.09
N VAL A 232 -0.12 -1.21 -30.80
CA VAL A 232 0.00 -2.29 -29.81
C VAL A 232 -1.32 -3.05 -29.71
N ILE A 233 -2.42 -2.29 -29.66
CA ILE A 233 -3.77 -2.85 -29.61
C ILE A 233 -4.05 -3.82 -30.78
N PHE A 234 -3.82 -3.36 -32.01
CA PHE A 234 -4.10 -4.18 -33.19
C PHE A 234 -3.19 -5.37 -33.29
N SER A 235 -1.90 -5.12 -33.08
CA SER A 235 -0.91 -6.17 -33.15
C SER A 235 -1.19 -7.33 -32.15
N LYS A 236 -1.50 -7.00 -30.90
CA LYS A 236 -1.79 -8.04 -29.90
C LYS A 236 -3.09 -8.78 -30.16
N ALA A 237 -4.15 -8.03 -30.46
CA ALA A 237 -5.45 -8.62 -30.74
C ALA A 237 -5.38 -9.56 -31.94
N ASP A 238 -4.68 -9.13 -32.98
CA ASP A 238 -4.55 -9.93 -34.19
C ASP A 238 -3.80 -11.25 -33.94
N ILE A 239 -2.76 -11.21 -33.13
CA ILE A 239 -2.07 -12.42 -32.70
C ILE A 239 -2.99 -13.40 -31.97
N TYR A 240 -3.76 -12.89 -30.99
CA TYR A 240 -4.70 -13.71 -30.23
C TYR A 240 -5.69 -14.41 -31.16
N THR A 241 -6.24 -13.65 -32.11
CA THR A 241 -7.28 -14.14 -32.99
C THR A 241 -6.76 -15.19 -33.97
N GLN A 242 -5.64 -14.86 -34.61
CA GLN A 242 -4.94 -15.77 -35.52
C GLN A 242 -4.53 -17.08 -34.86
N ASN A 243 -3.87 -16.98 -33.69
CA ASN A 243 -3.54 -18.16 -32.87
C ASN A 243 -4.75 -19.03 -32.53
N PHE A 244 -5.84 -18.41 -32.12
CA PHE A 244 -7.07 -19.13 -31.81
C PHE A 244 -7.62 -19.85 -33.06
N TYR A 245 -7.55 -19.17 -34.19
CA TYR A 245 -8.01 -19.69 -35.48
C TYR A 245 -7.27 -20.98 -35.82
N TRP A 246 -5.95 -20.93 -35.69
CA TRP A 246 -5.12 -22.07 -36.05
C TRP A 246 -5.17 -23.21 -35.05
N GLU A 247 -5.28 -22.86 -33.76
CA GLU A 247 -5.44 -23.85 -32.69
C GLU A 247 -6.71 -24.66 -32.83
N LEU A 248 -7.78 -23.97 -33.24
CA LEU A 248 -9.06 -24.58 -33.54
C LEU A 248 -8.92 -25.71 -34.58
N ARG A 249 -8.07 -25.47 -35.58
CA ARG A 249 -7.80 -26.45 -36.62
C ARG A 249 -6.85 -27.54 -36.15
N GLN A 250 -5.97 -27.22 -35.21
CA GLN A 250 -5.04 -28.19 -34.65
C GLN A 250 -5.75 -29.21 -33.77
N LYS A 251 -6.72 -28.76 -32.97
CA LYS A 251 -7.44 -29.62 -32.03
C LYS A 251 -8.75 -30.15 -32.64
N GLY A 252 -9.12 -29.62 -33.81
CA GLY A 252 -10.30 -30.00 -34.60
C GLY A 252 -11.29 -31.01 -34.03
N SER A 253 -11.88 -30.68 -32.89
CA SER A 253 -12.93 -31.49 -32.28
C SER A 253 -14.19 -30.64 -32.14
N VAL A 254 -15.34 -31.18 -32.56
CA VAL A 254 -16.60 -30.46 -32.37
C VAL A 254 -16.97 -30.52 -30.89
N HIS A 255 -16.87 -29.38 -30.23
CA HIS A 255 -17.17 -29.29 -28.80
C HIS A 255 -18.65 -29.07 -28.54
N HIS A 256 -19.13 -29.72 -27.48
CA HIS A 256 -20.50 -29.56 -27.00
C HIS A 256 -20.55 -28.51 -25.89
N ASP A 257 -19.48 -28.43 -25.10
CA ASP A 257 -19.32 -27.40 -24.07
C ASP A 257 -19.11 -26.03 -24.73
N TYR A 258 -19.61 -24.99 -24.08
CA TYR A 258 -19.39 -23.61 -24.54
C TYR A 258 -17.91 -23.23 -24.53
N ARG A 259 -17.44 -22.63 -25.62
CA ARG A 259 -16.02 -22.33 -25.76
C ARG A 259 -15.69 -20.83 -25.91
N GLY A 260 -16.70 -19.97 -25.81
CA GLY A 260 -16.49 -18.54 -25.95
C GLY A 260 -17.12 -17.92 -27.19
N ILE A 261 -17.14 -16.59 -27.24
CA ILE A 261 -17.71 -15.84 -28.35
C ILE A 261 -17.03 -16.11 -29.70
N LEU A 262 -15.70 -16.09 -29.72
CA LEU A 262 -14.91 -16.27 -30.94
C LEU A 262 -15.16 -17.63 -31.61
N TYR A 263 -15.20 -18.68 -30.80
CA TYR A 263 -15.56 -20.03 -31.26
C TYR A 263 -16.90 -20.03 -31.97
N ARG A 264 -17.88 -19.34 -31.39
CA ARG A 264 -19.22 -19.28 -31.97
C ARG A 264 -19.22 -18.53 -33.30
N LEU A 265 -18.51 -17.41 -33.34
CA LEU A 265 -18.47 -16.59 -34.55
C LEU A 265 -17.76 -17.32 -35.69
N LEU A 266 -16.63 -17.95 -35.39
CA LEU A 266 -15.84 -18.64 -36.42
C LEU A 266 -16.55 -19.88 -36.96
N GLY A 267 -17.36 -20.50 -36.13
CA GLY A 267 -18.08 -21.73 -36.50
C GLY A 267 -19.45 -21.51 -37.11
N ASP A 268 -20.16 -20.46 -36.70
CA ASP A 268 -21.54 -20.27 -37.14
C ASP A 268 -21.94 -18.79 -37.26
N SER A 269 -21.29 -18.08 -38.17
CA SER A 269 -21.57 -16.66 -38.38
C SER A 269 -21.60 -16.31 -39.86
N LYS A 270 -22.33 -15.24 -40.21
CA LYS A 270 -22.28 -14.70 -41.56
C LYS A 270 -21.09 -13.76 -41.75
N MET A 271 -20.42 -13.41 -40.65
CA MET A 271 -19.27 -12.52 -40.70
C MET A 271 -18.07 -13.23 -41.32
N SER A 272 -17.35 -12.50 -42.16
CA SER A 272 -16.07 -12.95 -42.66
C SER A 272 -15.05 -12.93 -41.50
N PHE A 273 -13.94 -13.64 -41.70
CA PHE A 273 -12.88 -13.66 -40.72
C PHE A 273 -12.34 -12.26 -40.43
N GLU A 274 -12.22 -11.44 -41.47
CA GLU A 274 -11.69 -10.10 -41.31
C GLU A 274 -12.61 -9.20 -40.47
N ASP A 275 -13.92 -9.32 -40.68
CA ASP A 275 -14.90 -8.61 -39.84
C ASP A 275 -14.83 -9.10 -38.40
N ILE A 276 -14.73 -10.41 -38.23
CA ILE A 276 -14.64 -11.01 -36.91
C ILE A 276 -13.41 -10.50 -36.16
N LYS A 277 -12.25 -10.53 -36.82
CA LYS A 277 -11.00 -10.07 -36.22
C LYS A 277 -11.04 -8.56 -35.86
N ALA A 278 -11.62 -7.76 -36.75
CA ALA A 278 -11.83 -6.33 -36.46
C ALA A 278 -12.71 -6.09 -35.24
N ASN A 279 -13.77 -6.90 -35.09
CA ASN A 279 -14.68 -6.70 -33.99
C ASN A 279 -14.16 -7.27 -32.67
N VAL A 280 -13.37 -8.34 -32.77
CA VAL A 280 -12.65 -8.86 -31.59
C VAL A 280 -11.74 -7.79 -31.00
N THR A 281 -11.06 -7.06 -31.88
CA THR A 281 -10.13 -6.02 -31.46
C THR A 281 -10.84 -4.92 -30.67
N GLU A 282 -12.02 -4.53 -31.15
CA GLU A 282 -12.83 -3.50 -30.51
C GLU A 282 -13.45 -3.95 -29.19
N MET A 283 -13.88 -5.19 -29.14
CA MET A 283 -14.52 -5.72 -27.93
C MET A 283 -13.48 -5.78 -26.82
N LEU A 284 -12.29 -6.21 -27.18
CA LEU A 284 -11.16 -6.31 -26.26
C LEU A 284 -10.76 -4.95 -25.73
N ALA A 285 -10.63 -3.99 -26.64
CA ALA A 285 -10.22 -2.64 -26.27
C ALA A 285 -11.32 -1.93 -25.49
N GLY A 286 -12.58 -2.20 -25.86
CA GLY A 286 -13.71 -1.59 -25.16
C GLY A 286 -13.91 -2.13 -23.75
N GLY A 287 -13.46 -3.36 -23.51
CA GLY A 287 -13.73 -4.04 -22.26
C GLY A 287 -12.85 -3.68 -21.06
N VAL A 288 -11.69 -3.09 -21.31
CA VAL A 288 -10.67 -2.98 -20.27
C VAL A 288 -10.83 -1.75 -19.35
N ASP A 289 -11.12 -0.57 -19.92
CA ASP A 289 -11.14 0.65 -19.09
C ASP A 289 -12.56 1.03 -18.62
N THR A 290 -13.57 0.35 -19.13
CA THR A 290 -14.95 0.70 -18.87
C THR A 290 -15.46 0.09 -17.57
N THR A 291 -15.51 -1.23 -17.49
CA THR A 291 -16.01 -1.90 -16.29
C THR A 291 -15.11 -1.64 -15.09
N SER A 292 -13.80 -1.62 -15.34
CA SER A 292 -12.81 -1.37 -14.29
C SER A 292 -13.03 -0.02 -13.58
N MET A 293 -13.17 1.05 -14.34
CA MET A 293 -13.44 2.38 -13.76
C MET A 293 -14.82 2.47 -13.09
N THR A 294 -15.82 1.86 -13.71
CA THR A 294 -17.17 1.87 -13.15
C THR A 294 -17.23 1.13 -11.81
N LEU A 295 -16.52 0.01 -11.73
CA LEU A 295 -16.45 -0.79 -10.49
C LEU A 295 -15.72 -0.04 -9.41
N GLN A 296 -14.62 0.61 -9.77
CA GLN A 296 -13.89 1.46 -8.83
C GLN A 296 -14.80 2.55 -8.24
N TRP A 297 -15.64 3.16 -9.06
CA TRP A 297 -16.57 4.18 -8.55
C TRP A 297 -17.65 3.58 -7.64
N HIS A 298 -18.13 2.39 -8.01
CA HIS A 298 -19.09 1.68 -7.19
C HIS A 298 -18.53 1.44 -5.78
N LEU A 299 -17.34 0.86 -5.71
CA LEU A 299 -16.64 0.62 -4.47
C LEU A 299 -16.48 1.91 -3.67
N TYR A 300 -16.13 2.98 -4.37
CA TYR A 300 -16.00 4.32 -3.77
C TYR A 300 -17.33 4.79 -3.16
N GLU A 301 -18.42 4.65 -3.91
CA GLU A 301 -19.76 5.03 -3.39
C GLU A 301 -20.24 4.12 -2.22
N MET A 302 -19.85 2.85 -2.23
CA MET A 302 -20.16 1.96 -1.10
C MET A 302 -19.41 2.36 0.16
N ALA A 303 -18.16 2.76 0.00
CA ALA A 303 -17.32 3.21 1.10
C ALA A 303 -17.76 4.55 1.67
N ARG A 304 -18.35 5.38 0.81
CA ARG A 304 -18.85 6.71 1.17
C ARG A 304 -20.24 6.62 1.78
N ASN A 305 -20.92 5.49 1.56
CA ASN A 305 -22.30 5.32 1.98
C ASN A 305 -22.46 3.95 2.66
N LEU A 306 -21.97 3.84 3.88
CA LEU A 306 -21.88 2.54 4.58
C LEU A 306 -23.24 1.86 4.84
N LYS A 307 -24.30 2.64 5.00
CA LYS A 307 -25.64 2.08 5.17
C LYS A 307 -26.13 1.43 3.89
N VAL A 308 -25.86 2.08 2.76
CA VAL A 308 -26.16 1.48 1.46
C VAL A 308 -25.30 0.23 1.25
N GLN A 309 -24.04 0.28 1.64
CA GLN A 309 -23.20 -0.92 1.51
C GLN A 309 -23.81 -2.12 2.30
N ASP A 310 -24.23 -1.85 3.54
CA ASP A 310 -24.90 -2.87 4.38
C ASP A 310 -26.13 -3.51 3.73
N MET A 311 -26.94 -2.68 3.06
CA MET A 311 -28.20 -3.15 2.46
C MET A 311 -27.92 -3.99 1.23
N LEU A 312 -26.86 -3.64 0.51
CA LEU A 312 -26.50 -4.40 -0.68
C LEU A 312 -25.94 -5.74 -0.24
N ARG A 313 -25.13 -5.75 0.81
CA ARG A 313 -24.61 -7.01 1.34
C ARG A 313 -25.77 -7.93 1.78
N ALA A 314 -26.72 -7.35 2.53
CA ALA A 314 -27.86 -8.12 3.07
C ALA A 314 -28.67 -8.72 1.95
N GLU A 315 -28.85 -7.94 0.87
CA GLU A 315 -29.56 -8.42 -0.30
C GLU A 315 -28.82 -9.58 -0.98
N VAL A 316 -27.49 -9.45 -1.10
CA VAL A 316 -26.68 -10.47 -1.77
C VAL A 316 -26.68 -11.79 -0.99
N LEU A 317 -26.51 -11.72 0.32
CA LEU A 317 -26.56 -12.92 1.19
C LEU A 317 -27.92 -13.65 1.08
N ALA A 318 -29.02 -12.90 1.13
CA ALA A 318 -30.35 -13.51 0.97
C ALA A 318 -30.54 -14.15 -0.40
N ALA A 319 -29.98 -13.53 -1.45
CA ALA A 319 -30.15 -14.05 -2.80
C ALA A 319 -29.36 -15.33 -2.99
N ARG A 320 -28.18 -15.40 -2.38
CA ARG A 320 -27.34 -16.58 -2.47
C ARG A 320 -28.03 -17.77 -1.76
N HIS A 321 -28.61 -17.50 -0.60
CA HIS A 321 -29.39 -18.50 0.13
C HIS A 321 -30.61 -18.97 -0.67
N GLN A 322 -31.46 -18.02 -1.08
CA GLN A 322 -32.70 -18.32 -1.80
C GLN A 322 -32.46 -19.06 -3.13
N ALA A 323 -31.33 -18.77 -3.78
CA ALA A 323 -30.99 -19.39 -5.06
C ALA A 323 -30.29 -20.74 -4.88
N GLN A 324 -30.05 -21.09 -3.62
CA GLN A 324 -29.32 -22.31 -3.25
C GLN A 324 -27.93 -22.36 -3.88
N GLY A 325 -27.30 -21.19 -4.04
CA GLY A 325 -25.92 -21.11 -4.53
C GLY A 325 -25.77 -20.86 -6.03
N ASP A 326 -26.82 -21.14 -6.81
CA ASP A 326 -26.80 -21.01 -8.28
C ASP A 326 -26.68 -19.55 -8.77
N MET A 327 -25.63 -19.22 -9.51
CA MET A 327 -25.43 -17.84 -9.98
C MET A 327 -26.56 -17.34 -10.88
N ALA A 328 -26.98 -18.17 -11.82
CA ALA A 328 -28.02 -17.78 -12.79
C ALA A 328 -29.32 -17.36 -12.10
N THR A 329 -29.70 -18.13 -11.08
CA THR A 329 -30.90 -17.83 -10.30
C THR A 329 -30.71 -16.56 -9.46
N MET A 330 -29.54 -16.45 -8.85
CA MET A 330 -29.18 -15.34 -7.98
C MET A 330 -29.30 -13.96 -8.65
N LEU A 331 -28.97 -13.92 -9.94
CA LEU A 331 -28.90 -12.65 -10.68
C LEU A 331 -30.27 -12.04 -10.94
N GLN A 332 -31.32 -12.80 -10.69
CA GLN A 332 -32.68 -12.25 -10.78
C GLN A 332 -33.25 -11.94 -9.38
N LEU A 333 -32.39 -12.04 -8.36
CA LEU A 333 -32.81 -11.81 -6.97
C LEU A 333 -32.04 -10.68 -6.30
N VAL A 334 -31.38 -9.85 -7.10
CA VAL A 334 -30.59 -8.74 -6.54
C VAL A 334 -31.00 -7.38 -7.12
N PRO A 335 -32.31 -7.01 -7.03
CA PRO A 335 -32.78 -5.78 -7.67
C PRO A 335 -32.07 -4.51 -7.21
N LEU A 336 -31.74 -4.44 -5.92
CA LEU A 336 -31.09 -3.26 -5.37
C LEU A 336 -29.65 -3.11 -5.84
N LEU A 337 -28.95 -4.22 -6.00
CA LEU A 337 -27.58 -4.23 -6.53
C LEU A 337 -27.54 -3.71 -7.95
N LYS A 338 -28.46 -4.22 -8.78
CA LYS A 338 -28.60 -3.75 -10.15
C LYS A 338 -28.98 -2.28 -10.23
N ALA A 339 -29.79 -1.83 -9.29
CA ALA A 339 -30.13 -0.42 -9.19
C ALA A 339 -28.90 0.38 -8.79
N SER A 340 -28.05 -0.19 -7.94
CA SER A 340 -26.87 0.54 -7.46
C SER A 340 -25.87 0.74 -8.60
N ILE A 341 -25.96 -0.09 -9.62
CA ILE A 341 -25.12 0.02 -10.80
C ILE A 341 -25.62 1.17 -11.68
N LYS A 342 -26.95 1.23 -11.87
CA LYS A 342 -27.58 2.38 -12.54
C LYS A 342 -27.21 3.66 -11.81
N GLU A 343 -27.24 3.61 -10.48
CA GLU A 343 -26.92 4.76 -9.68
C GLU A 343 -25.44 5.15 -9.82
N THR A 344 -24.55 4.17 -9.95
CA THR A 344 -23.13 4.46 -10.15
C THR A 344 -22.91 5.18 -11.50
N LEU A 345 -23.54 4.66 -12.55
CA LEU A 345 -23.44 5.28 -13.88
C LEU A 345 -24.12 6.64 -14.00
N ARG A 346 -25.14 6.91 -13.18
CA ARG A 346 -25.77 8.22 -13.15
C ARG A 346 -24.73 9.28 -12.76
N LEU A 347 -24.06 9.02 -11.63
CA LEU A 347 -23.09 9.95 -11.10
C LEU A 347 -21.75 9.86 -11.80
N HIS A 348 -21.41 8.69 -12.30
CA HIS A 348 -20.10 8.46 -12.90
C HIS A 348 -20.24 7.77 -14.27
N PRO A 349 -20.83 8.47 -15.25
CA PRO A 349 -20.96 7.92 -16.58
C PRO A 349 -19.56 7.67 -17.18
N ILE A 350 -19.41 6.60 -17.95
CA ILE A 350 -18.20 6.42 -18.75
C ILE A 350 -18.17 7.45 -19.89
N SER A 351 -19.32 7.64 -20.53
CA SER A 351 -19.50 8.51 -21.69
C SER A 351 -20.11 9.88 -21.32
N VAL A 352 -19.38 10.98 -21.58
CA VAL A 352 -19.91 12.29 -21.17
C VAL A 352 -21.22 12.61 -21.82
N THR A 353 -21.37 12.23 -23.08
CA THR A 353 -22.60 12.46 -23.82
C THR A 353 -23.00 11.20 -24.60
N LEU A 354 -24.24 11.22 -25.02
CA LEU A 354 -24.66 10.40 -26.16
C LEU A 354 -24.86 11.37 -27.31
N GLN A 355 -24.71 10.88 -28.54
CA GLN A 355 -24.89 11.75 -29.72
C GLN A 355 -25.60 10.99 -30.84
N ARG A 356 -26.44 11.72 -31.58
CA ARG A 356 -27.06 11.22 -32.79
C ARG A 356 -27.07 12.33 -33.85
N TYR A 357 -26.73 11.97 -35.08
CA TYR A 357 -26.97 12.85 -36.22
C TYR A 357 -28.43 12.69 -36.64
N LEU A 358 -29.14 13.80 -36.72
CA LEU A 358 -30.55 13.76 -37.14
C LEU A 358 -30.70 13.28 -38.58
N VAL A 359 -31.71 12.44 -38.80
CA VAL A 359 -32.07 11.95 -40.14
C VAL A 359 -33.06 12.91 -40.78
N ASN A 360 -34.05 13.33 -39.98
CA ASN A 360 -35.07 14.30 -40.37
C ASN A 360 -35.05 15.53 -39.46
N ASP A 361 -35.53 16.66 -39.99
CA ASP A 361 -35.77 17.86 -39.19
C ASP A 361 -36.51 17.47 -37.92
N LEU A 362 -36.24 18.17 -36.83
CA LEU A 362 -36.84 17.85 -35.53
C LEU A 362 -37.01 19.11 -34.70
N VAL A 363 -38.15 19.20 -34.01
CA VAL A 363 -38.37 20.32 -33.11
C VAL A 363 -38.07 19.93 -31.67
N LEU A 364 -37.26 20.75 -31.01
CA LEU A 364 -36.97 20.60 -29.59
C LEU A 364 -37.07 21.95 -28.89
N ARG A 365 -37.92 21.99 -27.87
CA ARG A 365 -38.20 23.19 -27.09
C ARG A 365 -38.51 24.40 -27.98
N ASP A 366 -39.33 24.16 -29.00
CA ASP A 366 -39.81 25.22 -29.90
C ASP A 366 -38.73 25.74 -30.86
N TYR A 367 -37.69 24.93 -31.09
CA TYR A 367 -36.62 25.27 -32.02
C TYR A 367 -36.52 24.20 -33.10
N MET A 368 -36.46 24.63 -34.36
CA MET A 368 -36.33 23.73 -35.49
C MET A 368 -34.86 23.33 -35.63
N ILE A 369 -34.59 22.03 -35.56
CA ILE A 369 -33.24 21.53 -35.74
C ILE A 369 -33.18 20.74 -37.04
N PRO A 370 -32.40 21.23 -38.02
CA PRO A 370 -32.39 20.61 -39.34
C PRO A 370 -31.77 19.23 -39.36
N ALA A 371 -32.19 18.43 -40.33
CA ALA A 371 -31.63 17.12 -40.57
C ALA A 371 -30.13 17.25 -40.78
N LYS A 372 -29.40 16.22 -40.35
CA LYS A 372 -27.94 16.19 -40.42
C LYS A 372 -27.23 16.94 -39.28
N THR A 373 -27.98 17.63 -38.43
CA THR A 373 -27.40 18.25 -37.24
C THR A 373 -27.00 17.19 -36.21
N LEU A 374 -25.86 17.40 -35.55
CA LEU A 374 -25.43 16.56 -34.47
C LEU A 374 -26.08 17.05 -33.18
N VAL A 375 -26.77 16.13 -32.50
CA VAL A 375 -27.41 16.43 -31.22
C VAL A 375 -26.76 15.56 -30.16
N GLN A 376 -26.39 16.19 -29.04
CA GLN A 376 -25.73 15.51 -27.93
C GLN A 376 -26.56 15.65 -26.65
N VAL A 377 -26.77 14.52 -25.99
CA VAL A 377 -27.42 14.50 -24.69
C VAL A 377 -26.34 14.50 -23.64
N ALA A 378 -26.33 15.53 -22.80
CA ALA A 378 -25.29 15.67 -21.80
C ALA A 378 -25.57 14.79 -20.57
N ILE A 379 -25.10 13.55 -20.65
CA ILE A 379 -25.35 12.49 -19.69
C ILE A 379 -24.84 12.88 -18.32
N TYR A 380 -23.59 13.33 -18.28
CA TYR A 380 -22.96 13.77 -17.04
C TYR A 380 -23.71 14.92 -16.37
N ALA A 381 -23.99 15.96 -17.15
CA ALA A 381 -24.75 17.12 -16.63
C ALA A 381 -26.14 16.71 -16.14
N LEU A 382 -26.81 15.86 -16.91
CA LEU A 382 -28.09 15.33 -16.50
C LEU A 382 -28.03 14.68 -15.11
N GLY A 383 -27.04 13.81 -14.89
CA GLY A 383 -26.94 13.08 -13.63
C GLY A 383 -26.73 13.95 -12.39
N ARG A 384 -26.23 15.16 -12.59
CA ARG A 384 -25.96 16.05 -11.46
C ARG A 384 -27.04 17.11 -11.30
N GLU A 385 -28.08 17.08 -12.14
CA GLU A 385 -29.06 18.18 -12.22
C GLU A 385 -30.21 17.96 -11.22
N PRO A 386 -30.34 18.85 -10.22
CA PRO A 386 -31.34 18.69 -9.14
C PRO A 386 -32.79 18.81 -9.59
N THR A 387 -33.04 19.30 -10.80
CA THR A 387 -34.41 19.33 -11.31
C THR A 387 -34.79 17.99 -11.91
N PHE A 388 -33.80 17.16 -12.21
CA PHE A 388 -34.08 15.85 -12.81
C PHE A 388 -33.86 14.68 -11.85
N PHE A 389 -33.11 14.89 -10.78
CA PHE A 389 -32.94 13.86 -9.75
C PHE A 389 -33.00 14.53 -8.37
N PHE A 390 -33.84 14.00 -7.47
CA PHE A 390 -33.84 14.44 -6.06
C PHE A 390 -32.48 14.22 -5.39
N ASP A 391 -31.96 15.26 -4.75
CA ASP A 391 -30.66 15.24 -4.03
C ASP A 391 -29.60 14.47 -4.86
N PRO A 392 -29.24 15.02 -6.05
CA PRO A 392 -28.40 14.29 -7.01
C PRO A 392 -27.03 13.86 -6.49
N GLU A 393 -26.46 14.62 -5.55
CA GLU A 393 -25.19 14.24 -4.91
C GLU A 393 -25.26 12.98 -4.00
N ASN A 394 -26.46 12.59 -3.58
CA ASN A 394 -26.62 11.42 -2.75
C ASN A 394 -26.67 10.14 -3.59
N PHE A 395 -25.87 9.15 -3.19
CA PHE A 395 -25.87 7.83 -3.79
C PHE A 395 -27.03 7.05 -3.16
N ASP A 396 -28.13 6.93 -3.91
CA ASP A 396 -29.36 6.27 -3.44
C ASP A 396 -29.94 5.32 -4.49
N PRO A 397 -29.55 4.02 -4.44
CA PRO A 397 -30.03 3.03 -5.40
C PRO A 397 -31.56 2.86 -5.45
N THR A 398 -32.26 3.14 -4.35
CA THR A 398 -33.73 2.92 -4.32
C THR A 398 -34.51 3.83 -5.28
N ARG A 399 -33.92 4.97 -5.65
CA ARG A 399 -34.55 5.87 -6.63
C ARG A 399 -34.92 5.14 -7.93
N TRP A 400 -34.18 4.08 -8.24
CA TRP A 400 -34.43 3.29 -9.46
C TRP A 400 -35.54 2.25 -9.30
N LEU A 401 -35.99 2.05 -8.06
CA LEU A 401 -37.06 1.11 -7.77
C LEU A 401 -38.40 1.83 -7.54
N SER A 402 -38.37 3.16 -7.51
CA SER A 402 -39.56 3.98 -7.28
C SER A 402 -40.72 3.51 -8.16
N LYS A 403 -41.87 3.27 -7.54
CA LYS A 403 -43.07 2.84 -8.29
C LYS A 403 -43.68 4.00 -9.10
N ASP A 404 -43.28 5.22 -8.75
CA ASP A 404 -43.50 6.39 -9.60
C ASP A 404 -42.63 6.27 -10.85
N LYS A 405 -43.22 5.74 -11.92
CA LYS A 405 -42.50 5.52 -13.16
C LYS A 405 -42.54 6.76 -14.07
N ASN A 406 -42.23 7.90 -13.45
CA ASN A 406 -41.90 9.15 -14.13
C ASN A 406 -40.64 9.73 -13.49
N ILE A 407 -40.21 9.11 -12.40
CA ILE A 407 -38.97 9.48 -11.73
C ILE A 407 -37.73 8.90 -12.44
N THR A 408 -37.94 7.88 -13.27
CA THR A 408 -36.85 7.19 -13.98
C THR A 408 -37.00 7.25 -15.51
N TYR A 409 -38.01 7.95 -15.99
CA TYR A 409 -38.24 8.14 -17.41
C TYR A 409 -37.00 8.73 -18.13
N PHE A 410 -36.56 8.03 -19.18
CA PHE A 410 -35.30 8.33 -19.91
C PHE A 410 -34.15 8.84 -19.02
N ARG A 411 -33.90 8.13 -17.91
CA ARG A 411 -32.84 8.47 -16.95
C ARG A 411 -31.67 7.50 -16.99
N ASN A 412 -31.94 6.25 -17.41
CA ASN A 412 -30.93 5.20 -17.41
C ASN A 412 -30.20 5.17 -18.75
N LEU A 413 -29.29 6.10 -18.94
CA LEU A 413 -28.75 6.37 -20.26
C LEU A 413 -27.26 6.02 -20.41
N GLY A 414 -26.68 5.46 -19.35
CA GLY A 414 -25.25 5.12 -19.31
C GLY A 414 -24.72 4.27 -20.46
N PHE A 415 -25.54 3.34 -20.96
CA PHE A 415 -25.14 2.47 -22.08
C PHE A 415 -25.78 2.91 -23.40
N GLY A 416 -26.33 4.10 -23.44
CA GLY A 416 -27.01 4.57 -24.63
C GLY A 416 -28.39 3.97 -24.80
N TRP A 417 -28.85 3.86 -26.04
CA TRP A 417 -30.25 3.51 -26.31
C TRP A 417 -30.40 2.89 -27.69
N GLY A 418 -31.35 1.96 -27.81
CA GLY A 418 -31.82 1.47 -29.10
C GLY A 418 -30.87 0.49 -29.72
N VAL A 419 -30.97 0.35 -31.05
CA VAL A 419 -30.21 -0.66 -31.80
C VAL A 419 -28.71 -0.46 -31.77
N ARG A 420 -28.26 0.79 -31.55
CA ARG A 420 -26.83 1.09 -31.51
C ARG A 420 -26.34 1.45 -30.09
N GLN A 421 -27.07 0.99 -29.07
CA GLN A 421 -26.62 1.12 -27.68
C GLN A 421 -25.32 0.33 -27.49
N CYS A 422 -24.70 0.47 -26.32
CA CYS A 422 -23.45 -0.22 -26.04
C CYS A 422 -23.51 -1.70 -26.47
N LEU A 423 -22.56 -2.13 -27.30
CA LEU A 423 -22.54 -3.55 -27.71
C LEU A 423 -22.13 -4.46 -26.56
N GLY A 424 -21.30 -3.95 -25.65
CA GLY A 424 -20.84 -4.75 -24.51
C GLY A 424 -21.72 -4.68 -23.27
N ARG A 425 -22.91 -4.12 -23.41
CA ARG A 425 -23.77 -3.84 -22.26
C ARG A 425 -24.06 -5.07 -21.36
N ARG A 426 -24.37 -6.21 -21.96
CA ARG A 426 -24.72 -7.41 -21.21
C ARG A 426 -23.49 -7.99 -20.53
N ILE A 427 -22.39 -8.04 -21.28
CA ILE A 427 -21.10 -8.47 -20.74
C ILE A 427 -20.74 -7.60 -19.54
N ALA A 428 -20.84 -6.28 -19.73
CA ALA A 428 -20.51 -5.31 -18.67
C ALA A 428 -21.44 -5.41 -17.47
N GLU A 429 -22.74 -5.51 -17.71
CA GLU A 429 -23.71 -5.60 -16.62
C GLU A 429 -23.48 -6.88 -15.81
N LEU A 430 -23.28 -8.01 -16.51
CA LEU A 430 -23.04 -9.30 -15.86
C LEU A 430 -21.69 -9.35 -15.14
N GLU A 431 -20.66 -8.80 -15.78
CA GLU A 431 -19.32 -8.77 -15.19
C GLU A 431 -19.36 -7.96 -13.88
N MET A 432 -20.01 -6.80 -13.91
CA MET A 432 -20.07 -5.95 -12.74
C MET A 432 -20.92 -6.54 -11.61
N THR A 433 -22.06 -7.13 -11.96
CA THR A 433 -22.97 -7.66 -10.93
C THR A 433 -22.35 -8.87 -10.22
N ILE A 434 -21.79 -9.77 -11.01
CA ILE A 434 -21.08 -10.92 -10.51
C ILE A 434 -19.89 -10.49 -9.67
N PHE A 435 -19.15 -9.49 -10.13
CA PHE A 435 -18.01 -8.99 -9.38
C PHE A 435 -18.44 -8.51 -8.01
N LEU A 436 -19.52 -7.74 -7.97
CA LEU A 436 -19.94 -7.09 -6.72
C LEU A 436 -20.59 -8.07 -5.75
N ILE A 437 -21.27 -9.09 -6.28
CA ILE A 437 -21.77 -10.21 -5.47
C ILE A 437 -20.60 -10.86 -4.71
N ASN A 438 -19.52 -11.18 -5.45
CA ASN A 438 -18.37 -11.83 -4.83
C ASN A 438 -17.65 -10.93 -3.81
N MET A 439 -17.48 -9.65 -4.15
CA MET A 439 -16.90 -8.68 -3.23
C MET A 439 -17.75 -8.47 -1.97
N LEU A 440 -19.06 -8.33 -2.14
CA LEU A 440 -19.96 -8.07 -0.99
C LEU A 440 -20.05 -9.25 -0.02
N GLU A 441 -19.99 -10.46 -0.57
CA GLU A 441 -19.95 -11.68 0.24
C GLU A 441 -18.67 -11.78 1.05
N ASN A 442 -17.58 -11.21 0.53
CA ASN A 442 -16.26 -11.46 1.11
C ASN A 442 -15.62 -10.35 1.91
N PHE A 443 -15.95 -9.09 1.61
CA PHE A 443 -15.31 -7.98 2.29
C PHE A 443 -16.24 -6.84 2.59
N ARG A 444 -15.83 -6.07 3.59
CA ARG A 444 -16.33 -4.73 3.84
C ARG A 444 -15.28 -3.75 3.25
N VAL A 445 -15.77 -2.73 2.56
CA VAL A 445 -14.94 -1.74 1.89
C VAL A 445 -15.08 -0.38 2.57
N GLU A 446 -13.94 0.20 2.93
CA GLU A 446 -13.90 1.52 3.52
C GLU A 446 -12.83 2.37 2.83
N ILE A 447 -12.89 3.68 2.99
CA ILE A 447 -11.77 4.54 2.60
C ILE A 447 -11.34 5.36 3.81
N GLN A 448 -10.05 5.25 4.17
CA GLN A 448 -9.47 6.08 5.24
C GLN A 448 -9.29 7.50 4.73
N HIS A 449 -9.55 8.47 5.59
CA HIS A 449 -9.46 9.89 5.19
C HIS A 449 -10.19 10.10 3.87
N LEU A 450 -11.48 9.77 3.89
CA LEU A 450 -12.32 9.92 2.71
C LEU A 450 -12.52 11.39 2.36
N SER A 451 -12.19 11.75 1.12
CA SER A 451 -12.42 13.09 0.58
C SER A 451 -13.07 12.95 -0.79
N ASP A 452 -13.74 14.00 -1.25
CA ASP A 452 -14.45 13.97 -2.52
C ASP A 452 -13.48 13.78 -3.69
N VAL A 453 -13.74 12.78 -4.51
CA VAL A 453 -12.88 12.54 -5.66
C VAL A 453 -13.64 13.03 -6.89
N GLY A 454 -13.01 13.96 -7.61
CA GLY A 454 -13.62 14.51 -8.80
C GLY A 454 -13.32 13.66 -10.01
N THR A 455 -13.63 14.22 -11.18
CA THR A 455 -13.68 13.50 -12.43
C THR A 455 -12.82 14.22 -13.45
N THR A 456 -12.10 13.46 -14.26
CA THR A 456 -11.31 14.01 -15.34
C THR A 456 -11.70 13.36 -16.66
N PHE A 457 -11.72 14.16 -17.73
CA PHE A 457 -12.09 13.65 -19.04
C PHE A 457 -10.82 13.18 -19.73
N ASN A 458 -10.73 11.87 -19.90
CA ASN A 458 -9.60 11.19 -20.56
C ASN A 458 -10.21 10.39 -21.70
N LEU A 459 -11.06 11.06 -22.48
CA LEU A 459 -11.94 10.48 -23.51
C LEU A 459 -13.11 9.71 -22.89
N ILE A 460 -12.81 8.66 -22.15
CA ILE A 460 -13.75 8.17 -21.16
C ILE A 460 -13.55 9.01 -19.89
N LEU A 461 -14.60 9.13 -19.11
CA LEU A 461 -14.51 9.85 -17.84
C LEU A 461 -13.89 8.92 -16.80
N MET A 462 -13.03 9.45 -15.95
CA MET A 462 -12.29 8.67 -14.96
C MET A 462 -12.10 9.49 -13.69
N PRO A 463 -11.80 8.82 -12.56
CA PRO A 463 -11.52 9.59 -11.34
C PRO A 463 -10.31 10.46 -11.55
N GLU A 464 -10.33 11.66 -10.97
CA GLU A 464 -9.27 12.64 -11.14
C GLU A 464 -7.99 12.30 -10.35
N LYS A 465 -8.11 11.47 -9.30
CA LYS A 465 -6.95 11.14 -8.48
C LYS A 465 -7.09 9.70 -7.95
N PRO A 466 -5.99 9.12 -7.43
CA PRO A 466 -6.07 7.73 -6.99
C PRO A 466 -7.03 7.57 -5.80
N ILE A 467 -7.69 6.43 -5.72
CA ILE A 467 -8.53 6.10 -4.58
C ILE A 467 -7.89 4.92 -3.84
N SER A 468 -7.63 5.07 -2.55
CA SER A 468 -7.04 3.98 -1.75
C SER A 468 -8.09 3.37 -0.83
N PHE A 469 -8.42 2.11 -1.07
CA PHE A 469 -9.44 1.40 -0.30
C PHE A 469 -8.81 0.63 0.85
N THR A 470 -9.60 0.37 1.89
CA THR A 470 -9.27 -0.60 2.93
C THR A 470 -10.32 -1.71 2.85
N PHE A 471 -9.85 -2.95 2.69
CA PHE A 471 -10.75 -4.11 2.67
C PHE A 471 -10.58 -4.93 3.97
N TRP A 472 -11.71 -5.24 4.60
CA TRP A 472 -11.78 -6.09 5.79
C TRP A 472 -12.55 -7.37 5.44
N PRO A 473 -11.99 -8.55 5.78
CA PRO A 473 -12.75 -9.77 5.45
C PRO A 473 -14.03 -9.83 6.27
N PHE A 474 -15.11 -10.31 5.67
CA PHE A 474 -16.46 -10.21 6.28
C PHE A 474 -16.89 -11.54 6.87
N PRO B 5 22.98 -12.68 56.14
CA PRO B 5 22.53 -12.82 54.75
C PRO B 5 22.08 -14.25 54.43
N ARG B 6 20.86 -14.38 53.91
CA ARG B 6 20.26 -15.69 53.62
C ARG B 6 20.98 -16.46 52.50
N PRO B 7 20.89 -17.82 52.53
CA PRO B 7 21.50 -18.65 51.49
C PRO B 7 20.80 -18.48 50.14
N PHE B 8 21.55 -18.75 49.07
CA PHE B 8 21.04 -18.70 47.70
C PHE B 8 19.70 -19.41 47.53
N ASN B 9 19.57 -20.58 48.16
CA ASN B 9 18.38 -21.42 48.01
C ASN B 9 17.11 -20.83 48.63
N GLU B 10 17.25 -19.79 49.44
CA GLU B 10 16.07 -19.13 50.03
C GLU B 10 15.44 -18.05 49.12
N ILE B 11 16.18 -17.62 48.10
CA ILE B 11 15.63 -16.72 47.07
C ILE B 11 14.37 -17.38 46.50
N PRO B 12 13.24 -16.67 46.48
CA PRO B 12 12.00 -17.22 45.93
C PRO B 12 12.21 -17.81 44.53
N SER B 13 11.46 -18.87 44.23
CA SER B 13 11.64 -19.65 43.02
C SER B 13 10.39 -20.49 42.74
N PRO B 14 10.08 -20.73 41.44
CA PRO B 14 9.04 -21.73 41.13
C PRO B 14 9.47 -23.15 41.48
N GLY B 15 10.75 -23.37 41.72
CA GLY B 15 11.28 -24.69 42.04
C GLY B 15 12.58 -25.02 41.31
N ASP B 16 13.17 -26.16 41.65
CA ASP B 16 14.49 -26.53 41.16
C ASP B 16 14.50 -27.33 39.87
N ASN B 17 13.35 -27.80 39.44
CA ASN B 17 13.27 -28.56 38.21
C ASN B 17 13.11 -27.66 36.99
N GLY B 18 14.24 -27.44 36.31
CA GLY B 18 14.33 -26.61 35.11
C GLY B 18 13.39 -27.01 33.98
N TRP B 19 13.18 -28.32 33.79
CA TRP B 19 12.36 -28.83 32.70
C TRP B 19 10.88 -28.64 32.99
N LEU B 20 10.50 -28.86 34.24
CA LEU B 20 9.14 -28.60 34.69
C LEU B 20 8.85 -27.10 34.65
N ASN B 21 9.82 -26.28 35.06
CA ASN B 21 9.66 -24.82 34.96
C ASN B 21 9.44 -24.38 33.50
N LEU B 22 10.23 -24.96 32.61
CA LEU B 22 10.12 -24.67 31.18
C LEU B 22 8.74 -25.07 30.65
N TYR B 23 8.25 -26.23 31.09
CA TYR B 23 6.94 -26.70 30.67
C TYR B 23 5.82 -25.73 31.09
N HIS B 24 5.90 -25.23 32.31
CA HIS B 24 4.88 -24.30 32.78
C HIS B 24 4.98 -22.96 32.06
N PHE B 25 6.21 -22.51 31.78
CA PHE B 25 6.42 -21.28 31.04
C PHE B 25 5.78 -21.37 29.64
N TRP B 26 6.12 -22.41 28.87
CA TRP B 26 5.51 -22.59 27.53
C TRP B 26 4.01 -22.70 27.57
N ARG B 27 3.47 -23.45 28.53
CA ARG B 27 2.04 -23.72 28.61
C ARG B 27 1.20 -22.50 29.00
N GLU B 28 1.66 -21.75 29.99
CA GLU B 28 0.89 -20.65 30.56
C GLU B 28 1.10 -19.35 29.79
N THR B 29 2.34 -19.08 29.41
CA THR B 29 2.68 -17.77 28.88
C THR B 29 3.14 -17.84 27.42
N GLY B 30 4.02 -18.78 27.10
CA GLY B 30 4.47 -18.90 25.74
C GLY B 30 5.83 -18.26 25.52
N THR B 31 6.61 -18.95 24.72
CA THR B 31 7.98 -18.57 24.43
C THR B 31 8.11 -17.15 23.85
N HIS B 32 7.09 -16.69 23.12
CA HIS B 32 7.09 -15.39 22.49
C HIS B 32 6.59 -14.27 23.43
N LYS B 33 6.34 -14.60 24.69
CA LYS B 33 5.86 -13.66 25.70
C LYS B 33 6.72 -13.71 26.96
N VAL B 34 8.01 -13.92 26.79
CA VAL B 34 8.91 -14.01 27.94
C VAL B 34 8.91 -12.71 28.77
N HIS B 35 8.72 -11.56 28.12
CA HIS B 35 8.64 -10.27 28.83
C HIS B 35 7.48 -10.26 29.82
N LEU B 36 6.35 -10.84 29.44
CA LEU B 36 5.18 -10.95 30.32
C LEU B 36 5.44 -11.93 31.45
N HIS B 37 6.19 -12.98 31.14
CA HIS B 37 6.60 -13.97 32.12
C HIS B 37 7.38 -13.29 33.23
N HIS B 38 8.29 -12.38 32.86
CA HIS B 38 9.05 -11.62 33.86
C HIS B 38 8.15 -10.76 34.72
N VAL B 39 7.25 -10.02 34.09
CA VAL B 39 6.31 -9.14 34.81
C VAL B 39 5.51 -9.93 35.86
N GLN B 40 4.92 -11.05 35.43
CA GLN B 40 4.12 -11.91 36.31
C GLN B 40 4.93 -12.52 37.45
N ASN B 41 6.18 -12.89 37.19
CA ASN B 41 7.06 -13.47 38.20
C ASN B 41 7.39 -12.47 39.33
N PHE B 42 7.71 -11.22 38.98
CA PHE B 42 7.94 -10.21 40.02
C PHE B 42 6.68 -9.93 40.83
N GLN B 43 5.51 -9.98 40.18
CA GLN B 43 4.24 -9.88 40.89
C GLN B 43 4.03 -11.04 41.87
N LYS B 44 4.51 -12.24 41.51
CA LYS B 44 4.34 -13.42 42.36
C LYS B 44 5.42 -13.57 43.43
N TYR B 45 6.66 -13.19 43.13
CA TYR B 45 7.77 -13.48 44.05
C TYR B 45 8.34 -12.28 44.79
N GLY B 46 7.97 -11.08 44.35
CA GLY B 46 8.62 -9.86 44.84
C GLY B 46 9.75 -9.44 43.93
N PRO B 47 10.66 -8.57 44.42
CA PRO B 47 11.62 -7.85 43.58
C PRO B 47 12.87 -8.65 43.19
N ILE B 48 12.95 -9.89 43.66
CA ILE B 48 14.06 -10.78 43.33
C ILE B 48 13.58 -12.24 43.33
N TYR B 49 14.02 -12.99 42.33
CA TYR B 49 13.66 -14.40 42.26
C TYR B 49 14.74 -15.14 41.49
N ARG B 50 14.73 -16.46 41.59
CA ARG B 50 15.61 -17.31 40.80
C ARG B 50 14.74 -18.28 40.02
N GLU B 51 15.13 -18.56 38.79
CA GLU B 51 14.37 -19.50 37.97
C GLU B 51 15.31 -20.22 37.03
N LYS B 52 15.36 -21.54 37.20
CA LYS B 52 16.03 -22.40 36.24
C LYS B 52 15.08 -22.71 35.09
N LEU B 53 15.47 -22.34 33.88
CA LEU B 53 14.71 -22.72 32.68
C LEU B 53 15.55 -23.65 31.85
N GLY B 54 15.09 -24.90 31.75
CA GLY B 54 15.85 -25.91 31.05
C GLY B 54 17.16 -26.10 31.79
N ASN B 55 18.26 -25.82 31.10
CA ASN B 55 19.60 -25.98 31.68
C ASN B 55 20.13 -24.76 32.46
N VAL B 56 19.61 -23.57 32.16
CA VAL B 56 20.14 -22.32 32.72
C VAL B 56 19.33 -21.73 33.89
N GLU B 57 20.02 -21.54 35.01
CA GLU B 57 19.46 -20.85 36.16
C GLU B 57 19.94 -19.40 36.17
N SER B 58 19.02 -18.50 36.49
CA SER B 58 19.37 -17.08 36.67
C SER B 58 18.70 -16.56 37.91
N VAL B 59 19.32 -15.54 38.49
CA VAL B 59 18.67 -14.69 39.47
C VAL B 59 18.17 -13.49 38.70
N TYR B 60 16.95 -13.07 38.99
CA TYR B 60 16.34 -11.94 38.31
C TYR B 60 16.08 -10.81 39.30
N VAL B 61 16.47 -9.61 38.88
CA VAL B 61 16.23 -8.37 39.64
C VAL B 61 15.52 -7.31 38.79
N ILE B 62 14.80 -6.43 39.49
CA ILE B 62 14.04 -5.35 38.87
C ILE B 62 14.39 -3.95 39.44
N ASP B 63 14.74 -3.89 40.72
CA ASP B 63 14.98 -2.63 41.43
C ASP B 63 16.29 -1.96 41.03
N PRO B 64 16.24 -0.69 40.53
CA PRO B 64 17.46 0.04 40.16
C PRO B 64 18.56 0.05 41.22
N GLU B 65 18.20 0.02 42.50
CA GLU B 65 19.21 -0.02 43.58
C GLU B 65 20.03 -1.30 43.57
N ASP B 66 19.36 -2.42 43.32
CA ASP B 66 20.04 -3.71 43.11
C ASP B 66 20.84 -3.73 41.81
N VAL B 67 20.32 -3.03 40.79
CA VAL B 67 21.01 -2.96 39.50
C VAL B 67 22.33 -2.24 39.73
N ALA B 68 22.26 -1.13 40.47
CA ALA B 68 23.47 -0.34 40.77
C ALA B 68 24.51 -1.21 41.45
N LEU B 69 24.06 -2.05 42.37
CA LEU B 69 24.95 -2.94 43.11
C LEU B 69 25.59 -3.98 42.20
N LEU B 70 24.81 -4.50 41.25
CA LEU B 70 25.32 -5.47 40.30
C LEU B 70 26.43 -4.90 39.42
N PHE B 71 26.20 -3.70 38.90
CA PHE B 71 27.21 -3.12 38.02
C PHE B 71 28.41 -2.52 38.78
N LYS B 72 28.20 -2.19 40.05
CA LYS B 72 29.32 -1.76 40.93
C LYS B 72 30.35 -2.88 41.15
N SER B 73 29.89 -4.12 41.09
CA SER B 73 30.73 -5.27 41.40
C SER B 73 31.29 -5.92 40.14
N GLU B 74 31.09 -5.27 39.00
CA GLU B 74 31.48 -5.81 37.71
C GLU B 74 33.00 -5.88 37.56
N GLY B 75 33.49 -6.95 36.94
CA GLY B 75 34.91 -7.13 36.69
C GLY B 75 35.39 -6.41 35.43
N PRO B 76 36.68 -6.57 35.08
CA PRO B 76 37.26 -5.91 33.91
C PRO B 76 36.82 -6.50 32.56
N ASN B 77 36.48 -7.78 32.54
CA ASN B 77 36.09 -8.45 31.30
C ASN B 77 34.72 -9.11 31.44
N PRO B 78 33.65 -8.29 31.59
CA PRO B 78 32.33 -8.81 31.93
C PRO B 78 31.76 -9.74 30.86
N GLU B 79 30.92 -10.67 31.29
CA GLU B 79 30.29 -11.63 30.41
C GLU B 79 28.78 -11.58 30.61
N ARG B 80 28.03 -11.55 29.49
CA ARG B 80 26.57 -11.64 29.52
C ARG B 80 26.17 -13.05 29.06
N PHE B 81 24.86 -13.31 28.94
CA PHE B 81 24.38 -14.60 28.48
C PHE B 81 24.62 -14.73 27.00
N LEU B 82 25.27 -15.83 26.59
CA LEU B 82 25.46 -16.15 25.19
C LEU B 82 24.27 -16.98 24.65
N ILE B 83 23.78 -16.61 23.47
CA ILE B 83 22.63 -17.27 22.87
C ILE B 83 23.10 -18.64 22.32
N PRO B 84 22.63 -19.75 22.90
CA PRO B 84 23.25 -21.05 22.54
C PRO B 84 23.16 -21.44 21.04
N PRO B 85 22.04 -21.18 20.34
CA PRO B 85 22.13 -21.53 18.91
C PRO B 85 23.16 -20.71 18.12
N TRP B 86 23.42 -19.46 18.54
CA TRP B 86 24.40 -18.59 17.87
C TRP B 86 25.78 -19.17 18.06
N VAL B 87 26.09 -19.52 19.29
CA VAL B 87 27.35 -20.16 19.65
C VAL B 87 27.53 -21.46 18.86
N ALA B 88 26.51 -22.32 18.87
CA ALA B 88 26.60 -23.64 18.20
C ALA B 88 26.90 -23.47 16.71
N TYR B 89 26.20 -22.54 16.07
CA TYR B 89 26.40 -22.28 14.64
C TYR B 89 27.84 -21.88 14.34
N HIS B 90 28.38 -20.94 15.12
CA HIS B 90 29.72 -20.42 14.91
C HIS B 90 30.77 -21.50 15.17
N GLN B 91 30.57 -22.28 16.22
CA GLN B 91 31.50 -23.35 16.59
C GLN B 91 31.45 -24.49 15.57
N TYR B 92 30.25 -25.02 15.34
CA TYR B 92 30.08 -26.13 14.40
C TYR B 92 30.51 -25.83 12.97
N TYR B 93 30.10 -24.69 12.43
CA TYR B 93 30.48 -24.34 11.06
C TYR B 93 31.75 -23.50 10.97
N GLN B 94 32.46 -23.39 12.10
CA GLN B 94 33.77 -22.71 12.19
C GLN B 94 33.85 -21.27 11.64
N ARG B 95 32.84 -20.48 11.96
CA ARG B 95 32.77 -19.10 11.54
C ARG B 95 33.55 -18.20 12.49
N PRO B 96 34.37 -17.28 11.93
CA PRO B 96 35.14 -16.35 12.75
C PRO B 96 34.21 -15.56 13.65
N ILE B 97 34.54 -15.46 14.93
CA ILE B 97 33.67 -14.79 15.88
C ILE B 97 34.14 -13.38 16.13
N GLY B 98 33.18 -12.49 16.39
CA GLY B 98 33.47 -11.13 16.75
C GLY B 98 33.25 -10.89 18.22
N VAL B 99 33.29 -9.62 18.57
CA VAL B 99 33.29 -9.15 19.94
C VAL B 99 32.07 -9.70 20.73
N LEU B 100 30.94 -9.89 20.07
CA LEU B 100 29.75 -10.45 20.73
C LEU B 100 29.99 -11.83 21.40
N LEU B 101 30.76 -12.68 20.74
CA LEU B 101 30.92 -14.06 21.17
C LEU B 101 32.26 -14.35 21.87
N LYS B 102 33.10 -13.31 21.99
CA LYS B 102 34.39 -13.43 22.66
C LYS B 102 34.28 -13.14 24.15
N LYS B 103 35.33 -13.51 24.89
CA LYS B 103 35.40 -13.25 26.32
C LYS B 103 36.84 -12.86 26.69
N SER B 104 37.02 -12.43 27.94
CA SER B 104 38.34 -12.19 28.52
C SER B 104 39.18 -11.25 27.66
N ALA B 105 40.49 -11.50 27.62
CA ALA B 105 41.45 -10.62 26.95
C ALA B 105 41.21 -10.50 25.46
N ALA B 106 40.75 -11.59 24.83
CA ALA B 106 40.50 -11.55 23.40
C ALA B 106 39.30 -10.65 23.07
N TRP B 107 38.32 -10.58 23.97
CA TRP B 107 37.21 -9.64 23.81
C TRP B 107 37.70 -8.21 23.95
N LYS B 108 38.52 -7.97 24.97
CA LYS B 108 39.02 -6.64 25.29
C LYS B 108 39.81 -6.04 24.13
N LYS B 109 40.64 -6.87 23.49
CA LYS B 109 41.45 -6.48 22.34
C LYS B 109 40.60 -5.96 21.16
N ASP B 110 39.59 -6.73 20.77
CA ASP B 110 38.63 -6.28 19.76
C ASP B 110 37.89 -5.01 20.19
N ARG B 111 37.39 -5.01 21.41
CA ARG B 111 36.55 -3.92 21.88
C ARG B 111 37.26 -2.57 21.85
N VAL B 112 38.46 -2.51 22.43
CA VAL B 112 39.23 -1.27 22.47
C VAL B 112 39.61 -0.79 21.07
N ALA B 113 39.96 -1.71 20.17
CA ALA B 113 40.23 -1.32 18.79
C ALA B 113 38.95 -0.76 18.13
N LEU B 114 37.81 -1.43 18.35
CA LEU B 114 36.54 -1.02 17.76
C LEU B 114 36.00 0.29 18.34
N ASN B 115 36.08 0.43 19.66
CA ASN B 115 35.68 1.66 20.34
C ASN B 115 36.33 2.92 19.75
N GLN B 116 37.54 2.80 19.24
CA GLN B 116 38.30 3.93 18.69
C GLN B 116 37.71 4.43 17.36
N GLU B 117 37.01 3.55 16.66
CA GLU B 117 36.40 3.91 15.37
C GLU B 117 34.89 4.06 15.43
N VAL B 118 34.30 3.59 16.52
CA VAL B 118 32.86 3.39 16.58
C VAL B 118 32.21 4.10 17.77
N MET B 119 32.97 4.32 18.84
CA MET B 119 32.43 4.95 20.04
C MET B 119 33.03 6.33 20.33
N ALA B 120 34.31 6.52 20.02
CA ALA B 120 35.01 7.76 20.36
C ALA B 120 34.38 8.98 19.71
N PRO B 121 34.08 10.02 20.50
CA PRO B 121 33.41 11.22 19.93
C PRO B 121 34.17 11.77 18.71
N GLU B 122 35.48 11.59 18.71
CA GLU B 122 36.36 12.06 17.63
C GLU B 122 36.23 11.27 16.32
N ALA B 123 35.80 10.03 16.42
CA ALA B 123 35.44 9.22 15.25
C ALA B 123 33.99 9.45 14.83
N THR B 124 33.07 9.47 15.80
CA THR B 124 31.64 9.49 15.51
C THR B 124 31.13 10.79 14.86
N LYS B 125 31.84 11.89 15.09
CA LYS B 125 31.50 13.17 14.44
C LYS B 125 31.51 13.02 12.92
N ASN B 126 32.33 12.10 12.41
CA ASN B 126 32.36 11.81 10.98
C ASN B 126 31.13 11.07 10.45
N PHE B 127 30.37 10.47 11.37
CA PHE B 127 29.13 9.76 11.01
C PHE B 127 28.04 10.71 10.54
N LEU B 128 28.03 11.94 11.07
CA LEU B 128 26.89 12.83 10.90
C LEU B 128 26.48 13.06 9.45
N PRO B 129 27.44 13.40 8.55
CA PRO B 129 27.02 13.62 7.17
C PRO B 129 26.52 12.34 6.49
N LEU B 130 27.08 11.19 6.85
CA LEU B 130 26.71 9.92 6.23
C LEU B 130 25.30 9.47 6.63
N LEU B 131 24.94 9.71 7.89
CA LEU B 131 23.62 9.32 8.40
C LEU B 131 22.54 10.31 7.95
N ASP B 132 22.90 11.59 7.95
CA ASP B 132 22.01 12.63 7.46
C ASP B 132 21.60 12.45 6.00
N ALA B 133 22.56 12.14 5.12
CA ALA B 133 22.25 11.83 3.72
C ALA B 133 21.21 10.70 3.60
N VAL B 134 21.32 9.67 4.45
CA VAL B 134 20.35 8.56 4.35
C VAL B 134 18.96 9.00 4.83
N SER B 135 18.91 9.67 5.98
CA SER B 135 17.66 10.20 6.52
C SER B 135 16.97 11.17 5.56
N ARG B 136 17.74 12.06 4.93
CA ARG B 136 17.18 12.97 3.92
C ARG B 136 16.58 12.22 2.74
N ASP B 137 17.24 11.15 2.30
CA ASP B 137 16.67 10.25 1.29
C ASP B 137 15.36 9.55 1.73
N PHE B 138 15.29 9.15 3.00
CA PHE B 138 14.06 8.55 3.52
C PHE B 138 12.90 9.55 3.41
N VAL B 139 13.13 10.78 3.86
CA VAL B 139 12.16 11.87 3.73
C VAL B 139 11.70 12.02 2.28
N SER B 140 12.64 12.02 1.33
CA SER B 140 12.30 12.14 -0.10
C SER B 140 11.38 11.02 -0.57
N VAL B 141 11.66 9.78 -0.14
CA VAL B 141 10.78 8.65 -0.41
C VAL B 141 9.34 8.93 0.08
N LEU B 142 9.19 9.32 1.33
CA LEU B 142 7.85 9.62 1.84
C LEU B 142 7.16 10.71 1.03
N HIS B 143 7.87 11.80 0.74
CA HIS B 143 7.28 12.90 -0.06
C HIS B 143 6.76 12.43 -1.41
N ARG B 144 7.51 11.55 -2.05
CA ARG B 144 7.16 10.99 -3.34
C ARG B 144 5.91 10.11 -3.24
N ARG B 145 5.83 9.29 -2.19
CA ARG B 145 4.66 8.44 -1.98
C ARG B 145 3.38 9.24 -1.69
N ILE B 146 3.53 10.35 -0.97
CA ILE B 146 2.43 11.27 -0.69
C ILE B 146 1.90 11.90 -2.00
N LYS B 147 2.83 12.39 -2.81
CA LYS B 147 2.52 12.99 -4.10
C LYS B 147 1.78 11.97 -4.98
N LYS B 148 2.30 10.76 -5.06
CA LYS B 148 1.68 9.67 -5.82
C LYS B 148 0.30 9.27 -5.30
N ALA B 149 0.12 9.26 -3.97
CA ALA B 149 -1.17 8.90 -3.37
C ALA B 149 -2.22 9.96 -3.69
N GLY B 150 -1.77 11.19 -3.96
CA GLY B 150 -2.60 12.22 -4.58
C GLY B 150 -3.55 13.02 -3.72
N SER B 151 -3.75 12.64 -2.46
CA SER B 151 -4.69 13.37 -1.59
C SER B 151 -4.04 14.04 -0.39
N GLY B 152 -2.75 14.36 -0.48
CA GLY B 152 -2.08 15.13 0.57
C GLY B 152 -1.57 14.33 1.77
N ASN B 153 -1.70 13.01 1.72
CA ASN B 153 -1.14 12.13 2.75
C ASN B 153 -0.67 10.78 2.20
N TYR B 154 0.05 10.03 3.02
CA TYR B 154 0.39 8.64 2.72
C TYR B 154 0.17 7.80 3.97
N SER B 155 -0.55 6.70 3.81
CA SER B 155 -0.82 5.77 4.90
C SER B 155 -0.26 4.41 4.52
N GLY B 156 0.44 3.81 5.47
CA GLY B 156 0.96 2.47 5.28
C GLY B 156 1.82 1.97 6.43
N ASP B 157 2.13 0.68 6.36
CA ASP B 157 3.06 0.02 7.25
C ASP B 157 4.42 0.21 6.60
N ILE B 158 5.31 0.89 7.30
CA ILE B 158 6.61 1.22 6.75
C ILE B 158 7.75 0.40 7.36
N SER B 159 7.43 -0.71 8.04
CA SER B 159 8.47 -1.54 8.69
C SER B 159 9.55 -2.00 7.70
N ASP B 160 9.15 -2.38 6.50
CA ASP B 160 10.11 -2.82 5.47
C ASP B 160 10.99 -1.69 4.98
N ASP B 161 10.44 -0.49 4.90
CA ASP B 161 11.22 0.71 4.56
C ASP B 161 12.20 1.05 5.69
N LEU B 162 11.77 0.83 6.92
CA LEU B 162 12.60 1.13 8.08
C LEU B 162 13.77 0.15 8.17
N PHE B 163 13.54 -1.13 7.85
CA PHE B 163 14.65 -2.12 7.76
C PHE B 163 15.65 -1.70 6.68
N ARG B 164 15.14 -1.29 5.52
CA ARG B 164 15.99 -0.77 4.45
C ARG B 164 16.74 0.50 4.84
N PHE B 165 16.06 1.39 5.55
CA PHE B 165 16.71 2.60 6.06
C PHE B 165 17.87 2.25 7.00
N ALA B 166 17.59 1.34 7.94
CA ALA B 166 18.59 0.95 8.93
C ALA B 166 19.79 0.28 8.25
N PHE B 167 19.53 -0.57 7.26
CA PHE B 167 20.59 -1.23 6.48
C PHE B 167 21.46 -0.22 5.71
N GLU B 168 20.82 0.72 5.04
CA GLU B 168 21.51 1.80 4.30
C GLU B 168 22.37 2.68 5.23
N SER B 169 21.86 2.95 6.44
CA SER B 169 22.59 3.75 7.42
C SER B 169 23.87 3.05 7.92
N ILE B 170 23.73 1.80 8.35
CA ILE B 170 24.90 1.08 8.89
C ILE B 170 25.94 0.81 7.80
N THR B 171 25.48 0.42 6.60
CA THR B 171 26.40 0.21 5.48
C THR B 171 27.08 1.50 5.04
N ASN B 172 26.37 2.61 5.10
CA ASN B 172 26.97 3.90 4.75
C ASN B 172 28.07 4.28 5.74
N VAL B 173 27.87 4.05 7.04
CA VAL B 173 28.93 4.41 7.99
C VAL B 173 30.10 3.43 7.96
N ILE B 174 29.83 2.16 7.64
CA ILE B 174 30.88 1.17 7.63
C ILE B 174 31.68 1.29 6.33
N PHE B 175 30.98 1.37 5.20
CA PHE B 175 31.61 1.28 3.90
C PHE B 175 31.86 2.66 3.26
N GLY B 176 31.20 3.70 3.78
CA GLY B 176 31.19 5.02 3.15
C GLY B 176 30.64 5.00 1.73
N GLU B 177 29.82 4.00 1.42
CA GLU B 177 29.21 3.87 0.09
C GLU B 177 27.71 3.58 0.26
N ARG B 178 26.91 4.18 -0.63
CA ARG B 178 25.46 3.99 -0.63
C ARG B 178 25.07 2.70 -1.33
N GLN B 179 24.26 1.89 -0.66
CA GLN B 179 23.80 0.62 -1.22
C GLN B 179 22.58 0.77 -2.14
N GLY B 180 21.98 1.95 -2.14
CA GLY B 180 20.82 2.24 -3.00
C GLY B 180 19.50 1.65 -2.54
N MET B 181 19.40 1.29 -1.25
CA MET B 181 18.21 0.60 -0.75
C MET B 181 16.98 1.50 -0.57
N LEU B 182 17.16 2.82 -0.72
CA LEU B 182 16.00 3.73 -0.70
C LEU B 182 15.54 4.22 -2.10
N GLU B 183 16.10 3.63 -3.17
CA GLU B 183 15.61 3.89 -4.55
C GLU B 183 14.37 3.04 -4.83
N GLU B 184 13.71 3.29 -5.97
CA GLU B 184 12.51 2.53 -6.33
C GLU B 184 12.81 1.09 -6.74
N VAL B 185 13.94 0.90 -7.41
CA VAL B 185 14.38 -0.45 -7.79
C VAL B 185 15.58 -0.81 -6.92
N VAL B 186 15.37 -1.85 -6.11
CA VAL B 186 16.28 -2.21 -5.03
C VAL B 186 17.17 -3.40 -5.41
N ASN B 187 18.37 -3.43 -4.86
CA ASN B 187 19.25 -4.58 -4.95
C ASN B 187 18.63 -5.83 -4.27
N PRO B 188 18.25 -6.86 -5.07
CA PRO B 188 17.58 -8.03 -4.47
C PRO B 188 18.49 -8.82 -3.51
N GLU B 189 19.79 -8.79 -3.74
CA GLU B 189 20.74 -9.50 -2.87
C GLU B 189 20.92 -8.83 -1.51
N ALA B 190 20.86 -7.49 -1.48
CA ALA B 190 20.86 -6.76 -0.22
C ALA B 190 19.54 -6.99 0.55
N GLN B 191 18.41 -7.06 -0.17
CA GLN B 191 17.13 -7.41 0.47
C GLN B 191 17.19 -8.79 1.14
N ARG B 192 17.80 -9.76 0.45
CA ARG B 192 18.03 -11.10 0.98
C ARG B 192 18.83 -11.04 2.29
N PHE B 193 19.86 -10.19 2.35
CA PHE B 193 20.59 -9.98 3.59
C PHE B 193 19.66 -9.43 4.70
N ILE B 194 18.88 -8.39 4.38
CA ILE B 194 17.93 -7.80 5.35
C ILE B 194 16.99 -8.85 5.94
N ASP B 195 16.30 -9.59 5.07
CA ASP B 195 15.37 -10.66 5.46
C ASP B 195 16.03 -11.77 6.28
N ALA B 196 17.28 -12.08 5.98
CA ALA B 196 18.00 -13.12 6.70
C ALA B 196 18.23 -12.74 8.17
N ILE B 197 18.46 -11.45 8.42
CA ILE B 197 18.69 -10.98 9.79
C ILE B 197 17.45 -11.20 10.63
N TYR B 198 16.29 -10.83 10.09
CA TYR B 198 15.04 -11.03 10.81
C TYR B 198 14.83 -12.54 11.02
N GLN B 199 15.13 -13.33 9.98
CA GLN B 199 14.97 -14.79 10.10
C GLN B 199 15.88 -15.39 11.18
N MET B 200 17.13 -14.97 11.22
CA MET B 200 18.07 -15.42 12.25
C MET B 200 17.51 -15.17 13.69
N PHE B 201 16.97 -13.97 13.92
CA PHE B 201 16.35 -13.66 15.23
C PHE B 201 15.12 -14.48 15.54
N HIS B 202 14.16 -14.49 14.59
CA HIS B 202 12.95 -15.28 14.71
C HIS B 202 13.23 -16.77 14.99
N THR B 203 14.14 -17.37 14.22
CA THR B 203 14.41 -18.80 14.39
C THR B 203 15.19 -19.12 15.66
N SER B 204 15.74 -18.09 16.31
CA SER B 204 16.49 -18.32 17.54
C SER B 204 15.56 -18.78 18.67
N VAL B 205 14.33 -18.24 18.68
CA VAL B 205 13.41 -18.37 19.81
C VAL B 205 13.05 -19.83 20.20
N PRO B 206 12.67 -20.68 19.22
CA PRO B 206 12.32 -22.04 19.68
C PRO B 206 13.49 -22.85 20.25
N MET B 207 14.71 -22.34 20.14
CA MET B 207 15.87 -23.08 20.61
C MET B 207 16.48 -22.56 21.91
N LEU B 208 15.87 -21.53 22.49
CA LEU B 208 16.49 -20.66 23.49
C LEU B 208 16.95 -21.23 24.85
N ASN B 209 16.08 -22.00 25.49
CA ASN B 209 16.39 -22.53 26.82
C ASN B 209 16.79 -24.02 26.76
N LEU B 210 17.39 -24.41 25.63
CA LEU B 210 17.74 -25.82 25.39
C LEU B 210 19.22 -25.95 25.11
N PRO B 211 19.84 -27.03 25.60
CA PRO B 211 21.23 -27.29 25.23
C PRO B 211 21.35 -27.68 23.74
N PRO B 212 22.52 -27.46 23.13
CA PRO B 212 22.67 -27.76 21.71
C PRO B 212 22.35 -29.22 21.35
N ASP B 213 22.54 -30.17 22.27
CA ASP B 213 22.17 -31.58 22.01
C ASP B 213 20.67 -31.80 21.78
N LEU B 214 19.83 -30.99 22.42
CA LEU B 214 18.37 -31.18 22.31
C LEU B 214 17.74 -30.41 21.16
N PHE B 215 18.21 -29.18 20.91
CA PHE B 215 17.62 -28.44 19.80
C PHE B 215 17.89 -29.07 18.41
N ARG B 216 19.02 -29.73 18.30
CA ARG B 216 19.28 -30.56 17.11
C ARG B 216 18.28 -31.69 16.92
N LEU B 217 17.73 -32.19 18.03
CA LEU B 217 16.86 -33.37 18.09
C LEU B 217 15.37 -33.03 18.09
N PHE B 218 15.00 -31.90 18.68
CA PHE B 218 13.59 -31.53 18.81
C PHE B 218 13.20 -30.25 18.07
N ARG B 219 14.18 -29.59 17.46
CA ARG B 219 13.96 -28.34 16.74
C ARG B 219 14.76 -28.40 15.45
N THR B 220 14.79 -29.58 14.84
CA THR B 220 15.63 -29.86 13.68
C THR B 220 15.32 -28.92 12.51
N LYS B 221 14.04 -28.69 12.28
CA LYS B 221 13.61 -27.80 11.21
C LYS B 221 14.03 -26.35 11.52
N THR B 222 13.82 -25.92 12.76
CA THR B 222 14.18 -24.55 13.16
C THR B 222 15.68 -24.33 13.04
N TRP B 223 16.46 -25.31 13.52
CA TRP B 223 17.89 -25.28 13.44
C TRP B 223 18.38 -25.12 12.01
N LYS B 224 17.80 -25.92 11.11
CA LYS B 224 18.11 -25.88 9.70
C LYS B 224 17.88 -24.47 9.12
N ASP B 225 16.72 -23.87 9.42
CA ASP B 225 16.36 -22.54 8.93
C ASP B 225 17.30 -21.48 9.52
N HIS B 226 17.68 -21.69 10.77
CA HIS B 226 18.55 -20.78 11.49
C HIS B 226 19.96 -20.75 10.88
N VAL B 227 20.52 -21.95 10.69
CA VAL B 227 21.77 -22.14 9.96
C VAL B 227 21.69 -21.46 8.59
N ALA B 228 20.60 -21.62 7.86
CA ALA B 228 20.49 -20.99 6.54
C ALA B 228 20.49 -19.47 6.62
N ALA B 229 19.85 -18.90 7.65
CA ALA B 229 19.82 -17.44 7.81
C ALA B 229 21.22 -16.91 8.12
N TRP B 230 21.92 -17.54 9.06
CA TRP B 230 23.28 -17.13 9.36
C TRP B 230 24.23 -17.28 8.16
N ASP B 231 24.01 -18.31 7.32
CA ASP B 231 24.82 -18.52 6.12
C ASP B 231 24.68 -17.35 5.13
N VAL B 232 23.45 -16.82 4.98
CA VAL B 232 23.21 -15.65 4.13
C VAL B 232 23.96 -14.43 4.70
N ILE B 233 23.88 -14.25 6.02
CA ILE B 233 24.50 -13.14 6.73
C ILE B 233 26.01 -13.12 6.52
N PHE B 234 26.64 -14.27 6.74
CA PHE B 234 28.08 -14.44 6.49
C PHE B 234 28.52 -14.32 5.04
N SER B 235 27.83 -15.01 4.12
CA SER B 235 28.16 -14.89 2.70
C SER B 235 28.23 -13.44 2.27
N LYS B 236 27.14 -12.70 2.50
CA LYS B 236 27.02 -11.34 2.01
C LYS B 236 28.01 -10.40 2.67
N ALA B 237 28.13 -10.51 4.00
CA ALA B 237 29.04 -9.67 4.76
C ALA B 237 30.49 -9.86 4.27
N ASP B 238 30.86 -11.10 4.04
CA ASP B 238 32.22 -11.40 3.64
C ASP B 238 32.51 -10.91 2.20
N ILE B 239 31.54 -11.08 1.31
CA ILE B 239 31.63 -10.47 -0.03
C ILE B 239 31.87 -8.96 0.05
N TYR B 240 31.06 -8.25 0.84
CA TYR B 240 31.23 -6.80 1.02
C TYR B 240 32.63 -6.41 1.49
N THR B 241 33.13 -7.10 2.51
CA THR B 241 34.42 -6.75 3.12
C THR B 241 35.59 -7.05 2.18
N GLN B 242 35.56 -8.24 1.57
CA GLN B 242 36.58 -8.66 0.59
C GLN B 242 36.66 -7.72 -0.60
N ASN B 243 35.51 -7.44 -1.23
CA ASN B 243 35.38 -6.44 -2.31
C ASN B 243 35.97 -5.07 -1.93
N PHE B 244 35.62 -4.58 -0.75
CA PHE B 244 36.15 -3.30 -0.28
C PHE B 244 37.68 -3.33 -0.13
N TYR B 245 38.19 -4.43 0.43
CA TYR B 245 39.64 -4.64 0.60
C TYR B 245 40.36 -4.52 -0.74
N TRP B 246 39.86 -5.23 -1.74
CA TRP B 246 40.49 -5.22 -3.05
C TRP B 246 40.34 -3.90 -3.79
N GLU B 247 39.17 -3.26 -3.69
CA GLU B 247 38.95 -1.91 -4.24
C GLU B 247 39.86 -0.84 -3.67
N LEU B 248 40.19 -0.95 -2.37
CA LEU B 248 41.17 -0.05 -1.76
C LEU B 248 42.50 -0.15 -2.49
N ARG B 249 42.86 -1.38 -2.87
CA ARG B 249 44.12 -1.63 -3.56
C ARG B 249 44.05 -1.23 -5.03
N GLN B 250 42.88 -1.38 -5.65
CA GLN B 250 42.66 -0.97 -7.03
C GLN B 250 42.71 0.55 -7.20
N LYS B 251 42.01 1.27 -6.33
CA LYS B 251 41.98 2.74 -6.35
C LYS B 251 43.14 3.30 -5.54
N GLY B 252 43.80 2.41 -4.79
CA GLY B 252 45.05 2.67 -4.05
C GLY B 252 45.44 4.10 -3.86
N SER B 253 44.62 4.83 -3.12
CA SER B 253 44.89 6.23 -2.83
C SER B 253 44.80 6.47 -1.33
N VAL B 254 45.63 7.38 -0.84
CA VAL B 254 45.46 7.89 0.52
C VAL B 254 44.43 9.01 0.41
N HIS B 255 43.31 8.83 1.08
CA HIS B 255 42.23 9.81 1.08
C HIS B 255 42.31 10.70 2.31
N HIS B 256 42.06 11.99 2.09
CA HIS B 256 42.00 12.98 3.16
C HIS B 256 40.57 13.12 3.70
N ASP B 257 39.59 12.91 2.83
CA ASP B 257 38.18 12.87 3.23
C ASP B 257 37.91 11.60 4.05
N TYR B 258 36.91 11.67 4.93
CA TYR B 258 36.48 10.50 5.70
C TYR B 258 35.85 9.45 4.77
N ARG B 259 36.22 8.20 4.98
CA ARG B 259 35.82 7.14 4.05
C ARG B 259 35.04 6.00 4.69
N GLY B 260 34.76 6.11 5.99
CA GLY B 260 34.00 5.09 6.69
C GLY B 260 34.80 4.28 7.70
N ILE B 261 34.10 3.52 8.53
CA ILE B 261 34.72 2.70 9.59
C ILE B 261 35.72 1.65 9.05
N LEU B 262 35.32 0.90 8.02
CA LEU B 262 36.16 -0.17 7.47
C LEU B 262 37.50 0.34 6.95
N TYR B 263 37.45 1.47 6.25
CA TYR B 263 38.66 2.13 5.74
C TYR B 263 39.63 2.44 6.87
N ARG B 264 39.09 2.92 8.00
CA ARG B 264 39.88 3.27 9.17
C ARG B 264 40.52 2.05 9.81
N LEU B 265 39.76 0.95 9.91
CA LEU B 265 40.27 -0.27 10.54
C LEU B 265 41.31 -0.97 9.67
N LEU B 266 41.07 -1.00 8.36
CA LEU B 266 42.04 -1.59 7.45
C LEU B 266 43.23 -0.65 7.22
N GLY B 267 43.06 0.62 7.56
CA GLY B 267 44.11 1.63 7.37
C GLY B 267 45.10 1.62 8.51
N ASP B 268 44.60 1.67 9.73
CA ASP B 268 45.43 1.64 10.92
C ASP B 268 44.68 1.11 12.15
N SER B 269 44.86 -0.17 12.43
CA SER B 269 44.25 -0.83 13.58
C SER B 269 45.18 -1.95 14.03
N LYS B 270 45.09 -2.33 15.31
CA LYS B 270 45.84 -3.48 15.80
C LYS B 270 45.14 -4.80 15.44
N MET B 271 43.97 -4.70 14.81
CA MET B 271 43.16 -5.86 14.44
C MET B 271 43.65 -6.50 13.15
N SER B 272 43.64 -7.82 13.13
CA SER B 272 43.90 -8.55 11.89
C SER B 272 42.70 -8.46 10.95
N PHE B 273 42.91 -8.76 9.67
CA PHE B 273 41.84 -8.74 8.71
C PHE B 273 40.65 -9.64 9.11
N GLU B 274 40.95 -10.81 9.67
CA GLU B 274 39.89 -11.76 9.98
C GLU B 274 39.05 -11.30 11.17
N ASP B 275 39.67 -10.62 12.13
CA ASP B 275 38.92 -10.03 13.24
C ASP B 275 38.05 -8.86 12.78
N ILE B 276 38.60 -8.04 11.89
CA ILE B 276 37.87 -6.95 11.27
C ILE B 276 36.65 -7.47 10.51
N LYS B 277 36.84 -8.48 9.67
CA LYS B 277 35.75 -9.07 8.88
C LYS B 277 34.64 -9.67 9.75
N ALA B 278 35.05 -10.37 10.81
CA ALA B 278 34.13 -10.96 11.78
C ALA B 278 33.29 -9.88 12.45
N ASN B 279 33.94 -8.79 12.83
CA ASN B 279 33.24 -7.70 13.49
C ASN B 279 32.39 -6.85 12.57
N VAL B 280 32.84 -6.65 11.34
CA VAL B 280 31.99 -6.01 10.32
C VAL B 280 30.67 -6.78 10.16
N THR B 281 30.75 -8.10 10.12
CA THR B 281 29.57 -8.95 9.99
C THR B 281 28.57 -8.69 11.13
N GLU B 282 29.11 -8.62 12.35
CA GLU B 282 28.29 -8.41 13.56
C GLU B 282 27.66 -7.01 13.61
N MET B 283 28.42 -6.01 13.17
CA MET B 283 27.92 -4.64 13.15
C MET B 283 26.80 -4.49 12.13
N LEU B 284 26.98 -5.12 10.98
CA LEU B 284 25.97 -5.09 9.91
C LEU B 284 24.71 -5.76 10.40
N ALA B 285 24.85 -6.96 10.93
CA ALA B 285 23.73 -7.72 11.44
C ALA B 285 23.03 -7.01 12.59
N GLY B 286 23.81 -6.47 13.52
CA GLY B 286 23.25 -5.79 14.69
C GLY B 286 22.50 -4.50 14.35
N GLY B 287 22.91 -3.85 13.26
CA GLY B 287 22.36 -2.56 12.87
C GLY B 287 20.97 -2.51 12.24
N VAL B 288 20.48 -3.63 11.72
CA VAL B 288 19.31 -3.65 10.83
C VAL B 288 17.97 -3.71 11.58
N ASP B 289 17.83 -4.60 12.56
CA ASP B 289 16.56 -4.79 13.24
C ASP B 289 16.37 -3.94 14.51
N THR B 290 17.45 -3.32 14.96
CA THR B 290 17.46 -2.57 16.20
C THR B 290 16.92 -1.16 16.07
N THR B 291 17.62 -0.33 15.32
CA THR B 291 17.21 1.06 15.17
C THR B 291 15.86 1.14 14.46
N SER B 292 15.65 0.27 13.48
CA SER B 292 14.41 0.22 12.72
C SER B 292 13.17 -0.03 13.61
N MET B 293 13.22 -1.03 14.49
CA MET B 293 12.09 -1.27 15.42
C MET B 293 11.92 -0.15 16.45
N THR B 294 13.03 0.39 16.93
CA THR B 294 12.99 1.46 17.94
C THR B 294 12.37 2.73 17.35
N LEU B 295 12.76 3.07 16.13
CA LEU B 295 12.19 4.21 15.42
C LEU B 295 10.71 4.05 15.17
N GLN B 296 10.33 2.85 14.74
CA GLN B 296 8.92 2.53 14.56
C GLN B 296 8.11 2.76 15.85
N TRP B 297 8.66 2.33 16.99
CA TRP B 297 7.99 2.60 18.29
C TRP B 297 7.96 4.09 18.64
N HIS B 298 9.04 4.79 18.34
CA HIS B 298 9.06 6.22 18.57
C HIS B 298 7.95 6.91 17.79
N LEU B 299 7.89 6.62 16.49
CA LEU B 299 6.82 7.13 15.63
C LEU B 299 5.45 6.78 16.21
N TYR B 300 5.31 5.54 16.68
CA TYR B 300 4.06 5.09 17.27
C TYR B 300 3.67 5.91 18.51
N GLU B 301 4.63 6.14 19.40
CA GLU B 301 4.38 6.95 20.61
C GLU B 301 4.08 8.44 20.30
N MET B 302 4.76 9.02 19.32
CA MET B 302 4.44 10.39 18.86
C MET B 302 3.03 10.51 18.31
N ALA B 303 2.60 9.53 17.53
CA ALA B 303 1.23 9.51 16.99
C ALA B 303 0.16 9.29 18.06
N ARG B 304 0.53 8.58 19.13
CA ARG B 304 -0.37 8.29 20.24
C ARG B 304 -0.45 9.50 21.19
N ASN B 305 0.60 10.32 21.19
CA ASN B 305 0.77 11.41 22.11
C ASN B 305 1.06 12.70 21.33
N LEU B 306 0.02 13.25 20.71
CA LEU B 306 0.17 14.35 19.75
C LEU B 306 0.71 15.66 20.36
N LYS B 307 0.47 15.87 21.65
CA LYS B 307 0.98 17.05 22.36
C LYS B 307 2.49 16.93 22.51
N VAL B 308 2.94 15.72 22.84
CA VAL B 308 4.38 15.43 22.85
C VAL B 308 4.99 15.59 21.44
N GLN B 309 4.30 15.10 20.41
CA GLN B 309 4.78 15.29 19.05
C GLN B 309 4.99 16.78 18.70
N ASP B 310 3.99 17.62 19.01
CA ASP B 310 4.12 19.08 18.88
C ASP B 310 5.32 19.69 19.62
N MET B 311 5.56 19.25 20.86
CA MET B 311 6.71 19.77 21.63
C MET B 311 8.04 19.37 21.02
N LEU B 312 8.10 18.13 20.50
CA LEU B 312 9.34 17.66 19.90
C LEU B 312 9.60 18.44 18.60
N ARG B 313 8.56 18.67 17.81
CA ARG B 313 8.73 19.40 16.55
C ARG B 313 9.18 20.84 16.83
N ALA B 314 8.54 21.51 17.79
CA ALA B 314 8.89 22.90 18.15
C ALA B 314 10.35 22.99 18.58
N GLU B 315 10.82 21.98 19.32
CA GLU B 315 12.22 21.96 19.75
C GLU B 315 13.17 21.80 18.56
N VAL B 316 12.82 20.94 17.62
CA VAL B 316 13.67 20.67 16.47
C VAL B 316 13.76 21.91 15.54
N LEU B 317 12.63 22.56 15.30
CA LEU B 317 12.59 23.80 14.51
C LEU B 317 13.44 24.90 15.16
N ALA B 318 13.32 25.08 16.47
CA ALA B 318 14.16 26.05 17.20
C ALA B 318 15.62 25.67 17.10
N ALA B 319 15.92 24.37 17.21
CA ALA B 319 17.30 23.90 17.15
C ALA B 319 17.94 24.16 15.79
N ARG B 320 17.19 23.93 14.72
CA ARG B 320 17.71 24.11 13.36
C ARG B 320 18.03 25.58 13.10
N HIS B 321 17.11 26.47 13.50
CA HIS B 321 17.30 27.92 13.38
C HIS B 321 18.56 28.37 14.16
N GLN B 322 18.61 28.02 15.44
CA GLN B 322 19.69 28.46 16.32
C GLN B 322 21.06 27.92 15.89
N ALA B 323 21.08 26.75 15.25
CA ALA B 323 22.32 26.15 14.76
C ALA B 323 22.69 26.64 13.37
N GLN B 324 21.82 27.47 12.79
CA GLN B 324 21.94 27.97 11.42
C GLN B 324 22.11 26.84 10.40
N GLY B 325 21.40 25.74 10.63
CA GLY B 325 21.38 24.61 9.69
C GLY B 325 22.40 23.51 9.91
N ASP B 326 23.43 23.78 10.75
CA ASP B 326 24.52 22.82 11.01
C ASP B 326 24.09 21.62 11.88
N MET B 327 24.18 20.41 11.35
CA MET B 327 23.73 19.22 12.08
C MET B 327 24.50 18.98 13.39
N ALA B 328 25.82 19.12 13.34
CA ALA B 328 26.65 18.92 14.54
C ALA B 328 26.23 19.81 15.69
N THR B 329 26.00 21.09 15.39
CA THR B 329 25.56 22.07 16.39
C THR B 329 24.17 21.73 16.95
N MET B 330 23.26 21.43 16.03
CA MET B 330 21.87 21.09 16.33
C MET B 330 21.68 19.95 17.34
N LEU B 331 22.55 18.95 17.25
CA LEU B 331 22.42 17.74 18.04
C LEU B 331 22.73 17.96 19.52
N GLN B 332 23.26 19.15 19.85
CA GLN B 332 23.43 19.50 21.26
C GLN B 332 22.32 20.44 21.71
N LEU B 333 21.34 20.66 20.84
CA LEU B 333 20.24 21.60 21.14
C LEU B 333 18.86 20.94 21.17
N VAL B 334 18.83 19.61 21.27
CA VAL B 334 17.56 18.89 21.26
C VAL B 334 17.42 17.93 22.48
N PRO B 335 17.55 18.46 23.72
CA PRO B 335 17.52 17.58 24.89
C PRO B 335 16.22 16.77 25.02
N LEU B 336 15.08 17.37 24.67
CA LEU B 336 13.80 16.68 24.79
C LEU B 336 13.67 15.53 23.80
N LEU B 337 14.23 15.69 22.60
CA LEU B 337 14.23 14.61 21.59
C LEU B 337 15.10 13.44 22.05
N LYS B 338 16.25 13.76 22.62
CA LYS B 338 17.12 12.76 23.18
C LYS B 338 16.46 12.05 24.36
N ALA B 339 15.68 12.81 25.13
CA ALA B 339 14.91 12.25 26.22
C ALA B 339 13.82 11.32 25.70
N SER B 340 13.22 11.66 24.54
CA SER B 340 12.13 10.89 24.00
C SER B 340 12.60 9.51 23.51
N ILE B 341 13.87 9.43 23.16
CA ILE B 341 14.50 8.20 22.74
C ILE B 341 14.74 7.29 23.94
N LYS B 342 15.24 7.86 25.04
CA LYS B 342 15.31 7.17 26.33
C LYS B 342 13.92 6.69 26.74
N GLU B 343 12.93 7.55 26.55
CA GLU B 343 11.56 7.23 26.91
C GLU B 343 10.98 6.11 26.01
N THR B 344 11.41 6.08 24.75
CA THR B 344 10.98 5.01 23.84
C THR B 344 11.60 3.69 24.26
N LEU B 345 12.89 3.70 24.57
CA LEU B 345 13.55 2.48 25.02
C LEU B 345 13.04 1.99 26.38
N ARG B 346 12.54 2.90 27.22
CA ARG B 346 11.98 2.50 28.51
C ARG B 346 10.75 1.61 28.30
N LEU B 347 9.86 2.04 27.42
CA LEU B 347 8.63 1.32 27.20
C LEU B 347 8.82 0.16 26.23
N HIS B 348 9.75 0.34 25.29
CA HIS B 348 9.98 -0.61 24.21
C HIS B 348 11.47 -0.96 24.06
N PRO B 349 12.04 -1.66 25.07
CA PRO B 349 13.43 -2.06 24.97
C PRO B 349 13.60 -3.06 23.82
N ILE B 350 14.77 -3.05 23.22
CA ILE B 350 15.13 -4.07 22.26
C ILE B 350 15.46 -5.37 23.00
N SER B 351 16.19 -5.20 24.09
CA SER B 351 16.68 -6.28 24.96
C SER B 351 15.81 -6.52 26.17
N VAL B 352 15.18 -7.69 26.28
CA VAL B 352 14.30 -7.93 27.43
C VAL B 352 14.99 -7.78 28.77
N THR B 353 16.22 -8.23 28.83
CA THR B 353 17.02 -8.16 30.04
C THR B 353 18.45 -7.72 29.68
N LEU B 354 19.16 -7.32 30.70
CA LEU B 354 20.61 -7.30 30.68
C LEU B 354 21.03 -8.45 31.60
N GLN B 355 22.20 -9.02 31.34
CA GLN B 355 22.72 -10.10 32.17
C GLN B 355 24.23 -9.96 32.41
N ARG B 356 24.65 -10.39 33.60
CA ARG B 356 26.06 -10.49 33.94
C ARG B 356 26.28 -11.74 34.78
N TYR B 357 27.32 -12.49 34.47
CA TYR B 357 27.81 -13.54 35.35
C TYR B 357 28.70 -12.92 36.43
N LEU B 358 28.42 -13.24 37.68
CA LEU B 358 29.19 -12.69 38.81
C LEU B 358 30.60 -13.24 38.83
N VAL B 359 31.57 -12.34 39.04
CA VAL B 359 32.98 -12.74 39.23
C VAL B 359 33.21 -13.10 40.70
N ASN B 360 32.63 -12.32 41.60
CA ASN B 360 32.68 -12.55 43.05
C ASN B 360 31.28 -12.70 43.66
N ASP B 361 31.22 -13.35 44.82
CA ASP B 361 29.99 -13.42 45.62
C ASP B 361 29.41 -12.02 45.79
N LEU B 362 28.09 -11.94 45.88
CA LEU B 362 27.43 -10.65 45.99
C LEU B 362 26.13 -10.78 46.77
N VAL B 363 25.88 -9.80 47.63
CA VAL B 363 24.66 -9.79 48.42
C VAL B 363 23.66 -8.81 47.80
N LEU B 364 22.50 -9.33 47.43
CA LEU B 364 21.39 -8.51 46.98
C LEU B 364 20.16 -8.86 47.78
N ARG B 365 19.49 -7.84 48.32
CA ARG B 365 18.23 -8.01 49.05
C ARG B 365 18.38 -8.97 50.24
N ASP B 366 19.57 -8.94 50.85
CA ASP B 366 19.92 -9.81 51.98
C ASP B 366 19.98 -11.31 51.61
N TYR B 367 20.26 -11.58 50.33
CA TYR B 367 20.51 -12.95 49.89
C TYR B 367 21.92 -13.01 49.33
N MET B 368 22.63 -14.10 49.62
CA MET B 368 23.98 -14.30 49.14
C MET B 368 23.95 -14.97 47.76
N ILE B 369 24.52 -14.30 46.77
CA ILE B 369 24.57 -14.84 45.42
C ILE B 369 26.01 -15.21 45.04
N PRO B 370 26.28 -16.51 44.86
CA PRO B 370 27.64 -17.00 44.66
C PRO B 370 28.25 -16.58 43.34
N ALA B 371 29.58 -16.43 43.35
CA ALA B 371 30.35 -16.19 42.14
C ALA B 371 29.92 -17.15 41.04
N LYS B 372 29.92 -16.66 39.80
CA LYS B 372 29.54 -17.43 38.61
C LYS B 372 28.03 -17.58 38.37
N THR B 373 27.21 -17.09 39.30
CA THR B 373 25.76 -17.07 39.09
C THR B 373 25.41 -16.06 37.99
N LEU B 374 24.49 -16.43 37.10
CA LEU B 374 23.99 -15.50 36.11
C LEU B 374 22.92 -14.62 36.74
N VAL B 375 23.12 -13.30 36.65
CA VAL B 375 22.11 -12.36 37.14
C VAL B 375 21.56 -11.55 35.97
N GLN B 376 20.23 -11.45 35.91
CA GLN B 376 19.54 -10.74 34.83
C GLN B 376 18.73 -9.59 35.39
N VAL B 377 18.87 -8.42 34.76
CA VAL B 377 18.07 -7.26 35.12
C VAL B 377 16.90 -7.22 34.15
N ALA B 378 15.69 -7.26 34.66
CA ALA B 378 14.53 -7.31 33.80
C ALA B 378 14.12 -5.91 33.34
N ILE B 379 14.79 -5.48 32.26
CA ILE B 379 14.67 -4.16 31.66
C ILE B 379 13.22 -3.86 31.32
N TYR B 380 12.56 -4.80 30.63
CA TYR B 380 11.18 -4.62 30.23
C TYR B 380 10.25 -4.47 31.43
N ALA B 381 10.39 -5.38 32.40
CA ALA B 381 9.53 -5.33 33.59
C ALA B 381 9.75 -4.03 34.37
N LEU B 382 11.01 -3.66 34.52
CA LEU B 382 11.38 -2.37 35.12
C LEU B 382 10.62 -1.20 34.48
N GLY B 383 10.63 -1.11 33.15
CA GLY B 383 10.03 0.01 32.44
C GLY B 383 8.54 0.17 32.69
N ARG B 384 7.87 -0.94 32.98
CA ARG B 384 6.42 -0.91 33.19
C ARG B 384 6.05 -0.88 34.69
N GLU B 385 7.02 -0.80 35.59
CA GLU B 385 6.71 -0.95 37.02
C GLU B 385 6.36 0.40 37.69
N PRO B 386 5.12 0.53 38.18
CA PRO B 386 4.68 1.84 38.69
C PRO B 386 5.36 2.31 39.97
N THR B 387 6.11 1.43 40.66
CA THR B 387 6.92 1.87 41.80
C THR B 387 8.22 2.50 41.39
N PHE B 388 8.66 2.24 40.16
CA PHE B 388 9.92 2.81 39.70
C PHE B 388 9.73 3.95 38.68
N PHE B 389 8.58 4.01 38.03
CA PHE B 389 8.26 5.13 37.16
C PHE B 389 6.85 5.62 37.44
N PHE B 390 6.70 6.93 37.60
CA PHE B 390 5.39 7.57 37.75
C PHE B 390 4.55 7.40 36.47
N ASP B 391 3.34 6.87 36.61
CA ASP B 391 2.43 6.55 35.48
C ASP B 391 3.22 5.94 34.30
N PRO B 392 3.74 4.71 34.49
CA PRO B 392 4.68 4.11 33.55
C PRO B 392 4.14 3.88 32.13
N GLU B 393 2.81 3.83 31.96
CA GLU B 393 2.21 3.69 30.61
C GLU B 393 2.10 5.01 29.82
N ASN B 394 2.42 6.13 30.47
CA ASN B 394 2.42 7.40 29.79
C ASN B 394 3.77 7.62 29.12
N PHE B 395 3.74 8.03 27.86
CA PHE B 395 4.94 8.42 27.16
C PHE B 395 5.23 9.86 27.55
N ASP B 396 6.23 10.04 28.42
CA ASP B 396 6.60 11.37 28.95
C ASP B 396 8.10 11.61 28.94
N PRO B 397 8.63 12.16 27.82
CA PRO B 397 10.05 12.44 27.68
C PRO B 397 10.63 13.36 28.77
N THR B 398 9.83 14.27 29.33
CA THR B 398 10.31 15.20 30.38
C THR B 398 10.78 14.51 31.67
N ARG B 399 10.31 13.27 31.90
CA ARG B 399 10.74 12.52 33.08
C ARG B 399 12.27 12.39 33.14
N TRP B 400 12.92 12.44 31.98
CA TRP B 400 14.38 12.31 31.90
C TRP B 400 15.12 13.64 32.07
N LEU B 401 14.37 14.74 32.09
CA LEU B 401 14.93 16.07 32.33
C LEU B 401 14.63 16.55 33.76
N SER B 402 14.22 15.62 34.62
CA SER B 402 13.78 15.94 35.98
C SER B 402 14.93 16.48 36.85
N LYS B 403 14.60 17.49 37.66
CA LYS B 403 15.53 18.06 38.66
C LYS B 403 16.04 16.97 39.59
N ASP B 404 15.09 16.13 40.02
CA ASP B 404 15.35 15.05 40.96
C ASP B 404 16.20 13.93 40.34
N LYS B 405 17.46 13.86 40.76
CA LYS B 405 18.37 12.82 40.30
C LYS B 405 18.18 11.54 41.12
N ASN B 406 16.93 11.26 41.48
CA ASN B 406 16.51 9.98 42.04
C ASN B 406 15.45 9.34 41.15
N ILE B 407 14.96 10.12 40.20
CA ILE B 407 13.92 9.70 39.28
C ILE B 407 14.52 8.97 38.06
N THR B 408 15.80 9.22 37.79
CA THR B 408 16.49 8.63 36.64
C THR B 408 17.67 7.71 37.04
N TYR B 409 17.89 7.54 38.34
CA TYR B 409 18.95 6.67 38.86
C TYR B 409 18.86 5.24 38.32
N PHE B 410 19.94 4.78 37.69
CA PHE B 410 20.03 3.47 37.01
C PHE B 410 18.75 3.03 36.28
N ARG B 411 18.21 3.94 35.47
CA ARG B 411 16.97 3.68 34.77
C ARG B 411 17.08 3.76 33.25
N ASN B 412 18.15 4.39 32.75
CA ASN B 412 18.42 4.46 31.30
C ASN B 412 19.31 3.30 30.90
N LEU B 413 18.71 2.13 30.72
CA LEU B 413 19.47 0.88 30.63
C LEU B 413 19.34 0.18 29.29
N GLY B 414 18.63 0.80 28.36
CA GLY B 414 18.35 0.20 27.05
C GLY B 414 19.57 -0.28 26.27
N PHE B 415 20.72 0.41 26.43
CA PHE B 415 21.96 0.01 25.76
C PHE B 415 22.94 -0.69 26.69
N GLY B 416 22.48 -1.11 27.86
CA GLY B 416 23.38 -1.72 28.82
C GLY B 416 24.24 -0.70 29.57
N TRP B 417 25.38 -1.15 30.06
CA TRP B 417 26.20 -0.36 30.98
C TRP B 417 27.67 -0.75 30.87
N GLY B 418 28.56 0.21 31.10
CA GLY B 418 29.99 -0.04 31.29
C GLY B 418 30.73 -0.35 30.02
N VAL B 419 31.90 -0.99 30.17
CA VAL B 419 32.79 -1.31 29.06
C VAL B 419 32.20 -2.26 28.02
N ARG B 420 31.21 -3.06 28.41
CA ARG B 420 30.60 -3.99 27.45
C ARG B 420 29.14 -3.62 27.07
N GLN B 421 28.79 -2.35 27.28
CA GLN B 421 27.54 -1.82 26.77
C GLN B 421 27.47 -1.96 25.26
N CYS B 422 26.29 -1.72 24.69
CA CYS B 422 26.09 -1.81 23.24
C CYS B 422 27.23 -1.14 22.46
N LEU B 423 27.90 -1.90 21.62
CA LEU B 423 28.94 -1.37 20.75
C LEU B 423 28.37 -0.36 19.74
N GLY B 424 27.14 -0.58 19.31
CA GLY B 424 26.55 0.30 18.30
C GLY B 424 25.85 1.51 18.86
N ARG B 425 26.04 1.80 20.14
CA ARG B 425 25.21 2.82 20.81
C ARG B 425 25.25 4.21 20.17
N ARG B 426 26.45 4.66 19.82
CA ARG B 426 26.60 6.02 19.28
C ARG B 426 26.04 6.05 17.88
N ILE B 427 26.32 5.02 17.09
CA ILE B 427 25.75 4.91 15.75
C ILE B 427 24.24 4.95 15.84
N ALA B 428 23.68 4.12 16.72
CA ALA B 428 22.24 4.04 16.93
C ALA B 428 21.61 5.34 17.44
N GLU B 429 22.23 5.97 18.44
CA GLU B 429 21.73 7.24 18.96
C GLU B 429 21.73 8.33 17.91
N LEU B 430 22.83 8.44 17.18
CA LEU B 430 22.96 9.44 16.13
C LEU B 430 22.01 9.17 14.96
N GLU B 431 21.96 7.91 14.52
CA GLU B 431 21.02 7.50 13.47
C GLU B 431 19.57 7.86 13.79
N MET B 432 19.12 7.53 15.01
CA MET B 432 17.75 7.78 15.42
C MET B 432 17.46 9.26 15.64
N THR B 433 18.41 9.98 16.24
CA THR B 433 18.20 11.41 16.49
C THR B 433 18.13 12.20 15.17
N ILE B 434 19.05 11.92 14.26
CA ILE B 434 19.06 12.54 12.93
C ILE B 434 17.84 12.16 12.10
N PHE B 435 17.41 10.89 12.19
CA PHE B 435 16.22 10.44 11.47
C PHE B 435 15.00 11.24 11.95
N LEU B 436 14.87 11.38 13.26
CA LEU B 436 13.68 12.01 13.85
C LEU B 436 13.64 13.53 13.64
N ILE B 437 14.83 14.15 13.60
CA ILE B 437 14.94 15.57 13.23
C ILE B 437 14.41 15.77 11.82
N ASN B 438 14.82 14.91 10.88
CA ASN B 438 14.37 15.02 9.50
C ASN B 438 12.89 14.77 9.34
N MET B 439 12.39 13.75 10.05
CA MET B 439 10.99 13.41 10.01
C MET B 439 10.10 14.50 10.63
N LEU B 440 10.52 15.03 11.79
CA LEU B 440 9.71 16.04 12.47
C LEU B 440 9.61 17.37 11.68
N GLU B 441 10.67 17.73 10.96
CA GLU B 441 10.68 18.93 10.12
C GLU B 441 9.77 18.76 8.88
N ASN B 442 9.55 17.52 8.47
CA ASN B 442 8.83 17.27 7.23
C ASN B 442 7.40 16.76 7.33
N PHE B 443 7.08 16.04 8.40
CA PHE B 443 5.78 15.39 8.50
C PHE B 443 5.16 15.46 9.87
N ARG B 444 3.82 15.45 9.88
CA ARG B 444 3.02 15.09 11.04
C ARG B 444 2.66 13.62 10.89
N VAL B 445 2.71 12.88 12.01
CA VAL B 445 2.44 11.46 12.00
C VAL B 445 1.24 11.12 12.88
N GLU B 446 0.36 10.31 12.31
CA GLU B 446 -0.83 9.82 12.98
C GLU B 446 -0.98 8.31 12.81
N ILE B 447 -1.79 7.72 13.69
CA ILE B 447 -2.23 6.34 13.58
C ILE B 447 -3.76 6.38 13.56
N GLN B 448 -4.36 5.73 12.57
CA GLN B 448 -5.81 5.85 12.30
C GLN B 448 -6.68 5.16 13.34
N HIS B 449 -6.04 4.46 14.25
CA HIS B 449 -6.71 3.51 15.14
C HIS B 449 -6.56 3.91 16.60
N LEU B 450 -5.34 4.30 16.97
CA LEU B 450 -4.98 4.56 18.37
C LEU B 450 -5.09 3.28 19.22
N SER B 451 -5.20 2.13 18.55
CA SER B 451 -5.27 0.83 19.19
C SER B 451 -3.94 0.47 19.86
N ASP B 452 -4.02 -0.25 20.97
CA ASP B 452 -2.85 -0.64 21.75
C ASP B 452 -2.12 -1.79 21.12
N VAL B 453 -0.92 -1.53 20.60
CA VAL B 453 -0.11 -2.56 20.00
C VAL B 453 0.81 -3.14 21.07
N GLY B 454 0.66 -4.43 21.32
CA GLY B 454 1.48 -5.13 22.30
C GLY B 454 2.79 -5.58 21.70
N THR B 455 3.51 -6.41 22.46
CA THR B 455 4.89 -6.76 22.18
C THR B 455 5.07 -8.26 22.08
N THR B 456 5.89 -8.69 21.12
CA THR B 456 6.24 -10.10 20.96
C THR B 456 7.75 -10.31 21.06
N PHE B 457 8.12 -11.39 21.74
CA PHE B 457 9.53 -11.71 21.89
C PHE B 457 9.97 -12.55 20.69
N ASN B 458 10.80 -11.95 19.84
CA ASN B 458 11.45 -12.58 18.67
C ASN B 458 12.96 -12.48 18.79
N LEU B 459 13.45 -12.89 19.96
CA LEU B 459 14.83 -12.71 20.40
C LEU B 459 15.07 -11.24 20.75
N ILE B 460 14.92 -10.36 19.76
CA ILE B 460 14.69 -8.95 20.06
C ILE B 460 13.20 -8.75 20.26
N LEU B 461 12.84 -7.72 21.02
CA LEU B 461 11.42 -7.43 21.26
C LEU B 461 10.91 -6.65 20.09
N MET B 462 9.66 -6.91 19.69
CA MET B 462 9.08 -6.30 18.50
C MET B 462 7.58 -6.09 18.68
N PRO B 463 6.96 -5.24 17.84
CA PRO B 463 5.49 -5.15 17.92
C PRO B 463 4.87 -6.48 17.53
N GLU B 464 3.76 -6.80 18.20
CA GLU B 464 3.07 -8.06 18.06
C GLU B 464 2.30 -8.10 16.75
N LYS B 465 1.94 -6.93 16.22
CA LYS B 465 1.20 -6.81 14.96
C LYS B 465 1.65 -5.55 14.21
N PRO B 466 1.33 -5.46 12.90
CA PRO B 466 1.77 -4.33 12.09
C PRO B 466 1.19 -3.01 12.59
N ILE B 467 1.97 -1.95 12.46
CA ILE B 467 1.51 -0.61 12.76
C ILE B 467 1.41 0.16 11.45
N SER B 468 0.23 0.71 11.16
CA SER B 468 0.03 1.50 9.95
C SER B 468 -0.07 2.99 10.27
N PHE B 469 0.83 3.77 9.69
CA PHE B 469 0.92 5.21 9.95
C PHE B 469 0.29 6.01 8.84
N THR B 470 -0.13 7.23 9.17
CA THR B 470 -0.46 8.24 8.17
C THR B 470 0.50 9.41 8.31
N PHE B 471 1.12 9.79 7.20
CA PHE B 471 2.05 10.92 7.14
C PHE B 471 1.41 12.08 6.36
N TRP B 472 1.43 13.25 6.98
CA TRP B 472 1.00 14.52 6.37
C TRP B 472 2.19 15.47 6.30
N PRO B 473 2.39 16.11 5.14
CA PRO B 473 3.49 17.08 5.03
C PRO B 473 3.27 18.25 5.99
N PHE B 474 4.30 18.59 6.77
CA PHE B 474 4.21 19.67 7.76
C PHE B 474 4.59 21.01 7.13
N SER C 27 -41.67 -17.16 -30.91
CA SER C 27 -41.88 -15.78 -30.39
C SER C 27 -42.80 -14.96 -31.30
N LEU C 28 -43.40 -13.91 -30.73
CA LEU C 28 -44.26 -12.99 -31.49
C LEU C 28 -43.50 -12.18 -32.54
N LEU C 29 -42.18 -12.09 -32.37
CA LEU C 29 -41.32 -11.47 -33.37
C LEU C 29 -41.20 -12.36 -34.60
N ASP C 30 -40.89 -13.64 -34.37
CA ASP C 30 -40.75 -14.64 -35.45
C ASP C 30 -42.04 -14.80 -36.26
N VAL C 31 -43.17 -14.50 -35.62
CA VAL C 31 -44.47 -14.44 -36.29
C VAL C 31 -44.49 -13.31 -37.33
N VAL C 32 -44.23 -12.08 -36.87
CA VAL C 32 -44.20 -10.90 -37.74
C VAL C 32 -43.18 -11.03 -38.89
N VAL C 33 -42.05 -11.69 -38.60
CA VAL C 33 -40.97 -11.84 -39.58
C VAL C 33 -41.34 -12.73 -40.78
N GLU C 34 -41.81 -13.95 -40.50
CA GLU C 34 -42.10 -14.91 -41.56
C GLU C 34 -43.54 -14.78 -42.10
N ASN C 35 -44.39 -14.11 -41.32
CA ASN C 35 -45.74 -13.74 -41.76
C ASN C 35 -45.72 -12.50 -42.66
N ASN C 36 -44.62 -11.75 -42.60
CA ASN C 36 -44.37 -10.54 -43.40
C ASN C 36 -45.40 -9.42 -43.19
N LEU C 37 -45.59 -8.99 -41.95
CA LEU C 37 -46.50 -7.88 -41.63
C LEU C 37 -45.93 -6.50 -42.02
N ASP C 38 -46.58 -5.44 -41.53
CA ASP C 38 -46.30 -4.07 -41.95
C ASP C 38 -45.24 -3.32 -41.14
N ILE C 39 -45.56 -3.04 -39.87
CA ILE C 39 -44.86 -2.05 -39.03
C ILE C 39 -43.39 -1.80 -39.39
N ASP C 40 -43.07 -0.56 -39.74
CA ASP C 40 -41.72 -0.15 -40.12
C ASP C 40 -40.73 -0.40 -39.00
N GLY C 41 -39.62 -1.07 -39.33
CA GLY C 41 -38.50 -1.30 -38.40
C GLY C 41 -38.84 -2.00 -37.10
N PHE C 42 -40.01 -2.64 -37.05
CA PHE C 42 -40.41 -3.46 -35.90
C PHE C 42 -39.45 -4.64 -35.75
N GLY C 43 -38.88 -4.76 -34.56
CA GLY C 43 -37.91 -5.82 -34.28
C GLY C 43 -36.56 -5.55 -34.93
N ALA C 44 -36.05 -4.34 -34.70
CA ALA C 44 -34.84 -3.86 -35.35
C ALA C 44 -33.58 -4.64 -34.95
N CYS C 45 -33.44 -4.98 -33.67
CA CYS C 45 -32.26 -5.73 -33.19
C CYS C 45 -32.35 -7.22 -33.54
N GLU C 46 -33.54 -7.64 -33.97
CA GLU C 46 -33.83 -9.01 -34.41
C GLU C 46 -33.87 -10.04 -33.27
N GLY C 47 -34.67 -9.73 -32.24
CA GLY C 47 -34.95 -10.67 -31.16
C GLY C 47 -33.83 -10.99 -30.19
N THR C 48 -32.94 -10.03 -29.94
CA THR C 48 -31.80 -10.24 -29.04
C THR C 48 -31.93 -9.40 -27.76
N LEU C 49 -33.11 -8.84 -27.53
CA LEU C 49 -33.39 -7.97 -26.37
C LEU C 49 -32.37 -6.82 -26.31
N ALA C 50 -32.20 -6.16 -27.46
CA ALA C 50 -31.16 -5.15 -27.67
C ALA C 50 -31.70 -3.92 -28.40
N CYS C 51 -33.03 -3.78 -28.39
CA CYS C 51 -33.74 -2.57 -28.78
C CYS C 51 -35.05 -2.59 -27.99
N SER C 52 -36.07 -1.89 -28.47
CA SER C 52 -37.40 -1.98 -27.87
C SER C 52 -38.48 -1.72 -28.92
N THR C 53 -38.16 -2.03 -30.18
CA THR C 53 -39.04 -1.76 -31.31
C THR C 53 -40.14 -2.82 -31.46
N CYS C 54 -39.92 -3.96 -30.80
CA CYS C 54 -40.90 -5.06 -30.76
C CYS C 54 -41.97 -4.85 -29.68
N HIS C 55 -42.01 -3.62 -29.15
CA HIS C 55 -42.94 -3.23 -28.09
C HIS C 55 -44.40 -3.49 -28.48
N LEU C 56 -45.13 -4.18 -27.60
CA LEU C 56 -46.53 -4.53 -27.84
C LEU C 56 -47.39 -4.40 -26.57
N ILE C 57 -48.67 -4.08 -26.75
CA ILE C 57 -49.62 -3.91 -25.65
C ILE C 57 -50.56 -5.11 -25.56
N PHE C 58 -50.58 -5.76 -24.40
CA PHE C 58 -51.35 -6.98 -24.16
C PHE C 58 -52.59 -6.71 -23.30
N GLU C 59 -53.68 -7.41 -23.59
CA GLU C 59 -54.89 -7.33 -22.75
C GLU C 59 -54.74 -8.17 -21.48
N ASP C 60 -55.45 -7.75 -20.43
CA ASP C 60 -55.27 -8.25 -19.07
C ASP C 60 -55.15 -9.77 -18.91
N HIS C 61 -56.06 -10.52 -19.54
CA HIS C 61 -56.09 -11.98 -19.38
C HIS C 61 -54.91 -12.72 -20.03
N ILE C 62 -54.32 -12.10 -21.05
CA ILE C 62 -53.13 -12.64 -21.73
C ILE C 62 -51.84 -12.28 -20.98
N TYR C 63 -51.85 -11.10 -20.36
CA TYR C 63 -50.68 -10.54 -19.66
C TYR C 63 -50.19 -11.41 -18.48
N GLU C 64 -51.10 -11.72 -17.56
CA GLU C 64 -50.77 -12.52 -16.37
C GLU C 64 -50.41 -13.97 -16.69
N LYS C 65 -50.78 -14.42 -17.89
CA LYS C 65 -50.47 -15.77 -18.37
C LYS C 65 -48.98 -15.97 -18.70
N LEU C 66 -48.24 -14.87 -18.81
CA LEU C 66 -46.83 -14.93 -19.22
C LEU C 66 -45.82 -14.78 -18.08
N ASP C 67 -44.73 -15.51 -18.19
CA ASP C 67 -43.69 -15.60 -17.15
C ASP C 67 -43.10 -14.25 -16.74
N ALA C 68 -42.54 -14.22 -15.53
CA ALA C 68 -42.00 -13.00 -14.93
C ALA C 68 -41.02 -12.25 -15.84
N ILE C 69 -41.04 -10.94 -15.73
CA ILE C 69 -40.23 -10.06 -16.57
C ILE C 69 -38.81 -9.93 -16.00
N THR C 70 -37.82 -10.24 -16.84
CA THR C 70 -36.40 -10.10 -16.46
C THR C 70 -36.04 -8.63 -16.25
N ASP C 71 -35.01 -8.40 -15.44
CA ASP C 71 -34.50 -7.06 -15.17
C ASP C 71 -34.13 -6.31 -16.46
N GLU C 72 -33.57 -7.04 -17.43
CA GLU C 72 -33.11 -6.50 -18.71
C GLU C 72 -34.29 -5.99 -19.55
N GLU C 73 -35.39 -6.74 -19.55
CA GLU C 73 -36.60 -6.35 -20.26
C GLU C 73 -37.25 -5.11 -19.63
N ASN C 74 -37.30 -5.09 -18.30
CA ASN C 74 -37.80 -3.93 -17.54
C ASN C 74 -37.05 -2.63 -17.88
N ASP C 75 -35.72 -2.73 -17.99
CA ASP C 75 -34.88 -1.59 -18.33
C ASP C 75 -35.17 -1.06 -19.74
N MET C 76 -35.28 -1.97 -20.71
CA MET C 76 -35.62 -1.62 -22.08
C MET C 76 -37.00 -0.96 -22.17
N LEU C 77 -37.94 -1.47 -21.38
CA LEU C 77 -39.31 -0.97 -21.31
C LEU C 77 -39.45 0.46 -20.77
N ASP C 78 -38.62 0.82 -19.79
CA ASP C 78 -38.65 2.17 -19.23
C ASP C 78 -38.18 3.24 -20.24
N LEU C 79 -37.47 2.81 -21.27
CA LEU C 79 -37.01 3.71 -22.33
C LEU C 79 -37.75 3.49 -23.65
N ALA C 80 -38.84 2.72 -23.60
CA ALA C 80 -39.70 2.55 -24.76
C ALA C 80 -40.77 3.64 -24.71
N TYR C 81 -40.93 4.36 -25.80
CA TYR C 81 -41.88 5.48 -25.86
C TYR C 81 -43.32 4.98 -25.91
N GLY C 82 -44.20 5.70 -25.21
CA GLY C 82 -45.58 5.27 -25.03
C GLY C 82 -45.62 3.97 -24.27
N LEU C 83 -45.42 4.04 -22.96
CA LEU C 83 -45.37 2.85 -22.10
C LEU C 83 -46.71 2.57 -21.45
N THR C 84 -47.04 1.28 -21.31
CA THR C 84 -48.23 0.84 -20.59
C THR C 84 -47.82 -0.16 -19.50
N ASP C 85 -48.63 -0.24 -18.45
CA ASP C 85 -48.44 -1.22 -17.38
C ASP C 85 -48.94 -2.62 -17.79
N ARG C 86 -49.36 -2.77 -19.04
CA ARG C 86 -49.76 -4.06 -19.60
C ARG C 86 -48.98 -4.40 -20.87
N SER C 87 -47.81 -3.78 -21.03
CA SER C 87 -47.01 -3.93 -22.24
C SER C 87 -45.74 -4.75 -22.03
N ARG C 88 -45.34 -5.49 -23.06
CA ARG C 88 -44.14 -6.34 -23.02
C ARG C 88 -43.41 -6.31 -24.37
N LEU C 89 -42.20 -6.86 -24.40
CA LEU C 89 -41.40 -6.92 -25.62
C LEU C 89 -41.74 -8.16 -26.42
N GLY C 90 -42.18 -7.93 -27.66
CA GLY C 90 -42.64 -8.98 -28.56
C GLY C 90 -41.70 -10.16 -28.77
N CYS C 91 -40.39 -9.90 -28.79
CA CYS C 91 -39.41 -10.95 -29.04
C CYS C 91 -39.13 -11.86 -27.84
N GLN C 92 -39.76 -11.55 -26.71
CA GLN C 92 -39.56 -12.30 -25.47
C GLN C 92 -40.82 -13.07 -25.05
N ILE C 93 -41.81 -13.10 -25.94
CA ILE C 93 -43.08 -13.77 -25.68
C ILE C 93 -43.23 -15.00 -26.59
N CYS C 94 -43.27 -16.18 -25.97
CA CYS C 94 -43.39 -17.44 -26.71
C CYS C 94 -44.86 -17.77 -27.02
N SER D 27 44.68 15.15 28.41
CA SER D 27 43.51 14.67 29.20
C SER D 27 43.93 13.96 30.49
N LEU D 28 43.07 14.04 31.51
CA LEU D 28 43.35 13.48 32.84
C LEU D 28 43.55 11.97 32.88
N LEU D 29 43.09 11.28 31.84
CA LEU D 29 43.36 9.86 31.68
C LEU D 29 44.82 9.65 31.29
N ASP D 30 45.31 10.48 30.36
CA ASP D 30 46.69 10.41 29.87
C ASP D 30 47.73 10.66 30.97
N VAL D 31 47.29 11.31 32.04
CA VAL D 31 48.09 11.50 33.26
C VAL D 31 48.43 10.14 33.88
N VAL D 32 47.40 9.30 34.02
CA VAL D 32 47.52 7.99 34.67
C VAL D 32 48.25 6.96 33.78
N VAL D 33 48.57 7.36 32.54
CA VAL D 33 49.19 6.46 31.56
C VAL D 33 50.63 6.03 31.91
N GLU D 34 51.51 7.01 32.15
CA GLU D 34 52.90 6.71 32.55
C GLU D 34 53.05 6.63 34.07
N ASN D 35 52.22 7.40 34.80
CA ASN D 35 52.23 7.41 36.27
C ASN D 35 51.86 6.07 36.87
N ASN D 36 51.04 5.30 36.15
CA ASN D 36 50.57 3.98 36.58
C ASN D 36 49.95 3.99 37.99
N LEU D 37 49.12 5.01 38.25
CA LEU D 37 48.53 5.24 39.56
C LEU D 37 47.69 4.05 40.05
N ASP D 38 47.67 3.86 41.38
CA ASP D 38 47.09 2.68 42.05
C ASP D 38 45.67 2.28 41.65
N ILE D 39 44.84 3.27 41.32
CA ILE D 39 43.39 3.05 41.08
C ILE D 39 43.11 1.77 40.29
N ASP D 40 42.40 0.85 40.94
CA ASP D 40 41.91 -0.38 40.31
C ASP D 40 40.93 -0.02 39.20
N GLY D 41 41.32 -0.34 37.96
CA GLY D 41 40.47 -0.13 36.78
C GLY D 41 40.08 1.32 36.52
N PHE D 42 41.06 2.12 36.08
CA PHE D 42 40.79 3.49 35.67
C PHE D 42 40.92 3.59 34.17
N GLY D 43 39.90 4.17 33.53
CA GLY D 43 39.90 4.36 32.08
C GLY D 43 39.79 3.05 31.31
N ALA D 44 38.86 2.21 31.75
CA ALA D 44 38.72 0.86 31.22
C ALA D 44 38.46 0.78 29.71
N CYS D 45 37.70 1.75 29.18
CA CYS D 45 37.40 1.80 27.74
C CYS D 45 38.49 2.50 26.92
N GLU D 46 39.56 2.90 27.61
CA GLU D 46 40.72 3.59 27.00
C GLU D 46 40.37 4.98 26.43
N GLY D 47 39.53 5.71 27.16
CA GLY D 47 39.22 7.10 26.85
C GLY D 47 38.30 7.39 25.67
N THR D 48 37.37 6.48 25.37
CA THR D 48 36.47 6.64 24.24
C THR D 48 35.05 7.06 24.64
N LEU D 49 34.90 7.48 25.89
CA LEU D 49 33.58 7.85 26.46
C LEU D 49 32.58 6.69 26.34
N ALA D 50 33.06 5.50 26.69
CA ALA D 50 32.31 4.25 26.53
C ALA D 50 32.27 3.41 27.81
N CYS D 51 32.72 4.01 28.92
CA CYS D 51 32.53 3.49 30.28
C CYS D 51 32.32 4.68 31.20
N SER D 52 32.55 4.51 32.50
CA SER D 52 32.56 5.65 33.42
C SER D 52 33.60 5.47 34.54
N THR D 53 34.64 4.68 34.24
CA THR D 53 35.68 4.35 35.21
C THR D 53 36.68 5.49 35.42
N CYS D 54 36.62 6.48 34.53
CA CYS D 54 37.48 7.66 34.62
C CYS D 54 36.84 8.80 35.43
N HIS D 55 35.80 8.46 36.18
CA HIS D 55 35.05 9.43 37.00
C HIS D 55 35.95 10.10 38.03
N LEU D 56 35.90 11.42 38.09
CA LEU D 56 36.73 12.21 39.00
C LEU D 56 35.97 13.37 39.63
N ILE D 57 36.32 13.68 40.88
CA ILE D 57 35.63 14.71 41.66
C ILE D 57 36.46 16.02 41.74
N PHE D 58 35.92 17.07 41.11
CA PHE D 58 36.55 18.40 41.11
C PHE D 58 35.95 19.26 42.21
N GLU D 59 36.69 20.29 42.65
CA GLU D 59 36.27 21.11 43.80
C GLU D 59 35.07 22.03 43.50
N ASP D 60 35.33 23.34 43.43
CA ASP D 60 34.28 24.35 43.23
C ASP D 60 34.63 25.34 42.13
N HIS D 61 35.82 25.93 42.22
CA HIS D 61 36.24 27.00 41.30
C HIS D 61 36.70 26.49 39.92
N ILE D 62 37.18 25.25 39.86
CA ILE D 62 37.60 24.64 38.59
C ILE D 62 36.39 24.35 37.69
N TYR D 63 35.31 23.88 38.32
CA TYR D 63 34.10 23.40 37.62
C TYR D 63 33.54 24.38 36.58
N GLU D 64 33.37 25.64 36.96
CA GLU D 64 32.80 26.66 36.08
C GLU D 64 33.58 26.85 34.78
N LYS D 65 34.90 26.70 34.86
CA LYS D 65 35.77 26.92 33.70
C LYS D 65 36.02 25.67 32.84
N LEU D 66 35.23 24.62 33.09
CA LEU D 66 35.26 23.40 32.27
C LEU D 66 34.28 23.51 31.11
N ASP D 67 34.64 22.92 29.97
CA ASP D 67 33.77 22.91 28.78
C ASP D 67 32.37 22.38 29.09
N ALA D 68 31.39 22.85 28.30
CA ALA D 68 30.00 22.38 28.42
C ALA D 68 29.92 20.85 28.31
N ILE D 69 29.04 20.27 29.13
CA ILE D 69 28.92 18.81 29.21
C ILE D 69 27.99 18.24 28.13
N THR D 70 28.52 17.32 27.33
CA THR D 70 27.73 16.66 26.28
C THR D 70 26.64 15.78 26.89
N ASP D 71 25.58 15.55 26.12
CA ASP D 71 24.50 14.65 26.51
C ASP D 71 25.03 13.24 26.83
N GLU D 72 26.05 12.81 26.07
CA GLU D 72 26.68 11.50 26.23
C GLU D 72 27.29 11.36 27.62
N GLU D 73 28.09 12.36 27.99
CA GLU D 73 28.78 12.37 29.27
C GLU D 73 27.78 12.42 30.42
N ASN D 74 26.73 13.22 30.26
CA ASN D 74 25.65 13.29 31.24
C ASN D 74 24.95 11.95 31.47
N ASP D 75 24.73 11.21 30.38
CA ASP D 75 24.12 9.89 30.45
C ASP D 75 25.03 8.87 31.15
N MET D 76 26.32 8.94 30.84
CA MET D 76 27.32 8.10 31.51
C MET D 76 27.43 8.43 33.00
N LEU D 77 27.26 9.70 33.34
CA LEU D 77 27.32 10.19 34.72
C LEU D 77 26.14 9.78 35.60
N ASP D 78 24.96 9.63 35.00
CA ASP D 78 23.77 9.23 35.75
C ASP D 78 23.82 7.77 36.19
N LEU D 79 24.72 7.00 35.57
CA LEU D 79 24.91 5.59 35.91
C LEU D 79 26.27 5.34 36.55
N ALA D 80 26.95 6.40 36.95
CA ALA D 80 28.20 6.29 37.68
C ALA D 80 27.91 6.22 39.18
N TYR D 81 28.53 5.25 39.85
CA TYR D 81 28.29 5.06 41.28
C TYR D 81 28.99 6.14 42.11
N GLY D 82 28.27 6.67 43.11
CA GLY D 82 28.74 7.78 43.92
C GLY D 82 28.88 9.04 43.10
N LEU D 83 27.75 9.64 42.75
CA LEU D 83 27.73 10.82 41.89
C LEU D 83 27.72 12.10 42.72
N THR D 84 28.65 13.00 42.42
CA THR D 84 28.74 14.29 43.12
C THR D 84 28.13 15.45 42.31
N ASP D 85 27.88 16.57 43.00
CA ASP D 85 27.33 17.78 42.38
C ASP D 85 28.31 18.39 41.38
N ARG D 86 29.59 18.05 41.54
CA ARG D 86 30.65 18.57 40.70
C ARG D 86 31.44 17.41 40.07
N SER D 87 30.72 16.48 39.45
CA SER D 87 31.32 15.30 38.81
C SER D 87 31.55 15.51 37.31
N ARG D 88 32.68 15.01 36.82
CA ARG D 88 32.99 14.99 35.39
C ARG D 88 33.82 13.76 35.03
N LEU D 89 33.71 13.31 33.78
CA LEU D 89 34.53 12.20 33.31
C LEU D 89 35.93 12.67 32.97
N GLY D 90 36.92 12.00 33.52
CA GLY D 90 38.33 12.37 33.38
C GLY D 90 38.86 12.40 31.95
N CYS D 91 38.42 11.46 31.12
CA CYS D 91 38.91 11.34 29.75
C CYS D 91 38.38 12.44 28.81
N GLN D 92 37.47 13.27 29.33
CA GLN D 92 36.89 14.37 28.56
C GLN D 92 37.34 15.76 29.07
N ILE D 93 38.16 15.75 30.12
CA ILE D 93 38.78 16.95 30.70
C ILE D 93 40.25 16.98 30.32
N CYS D 94 40.62 17.94 29.46
CA CYS D 94 41.99 18.03 28.94
C CYS D 94 42.73 19.29 29.36
#